data_6S5Y
#
_entry.id   6S5Y
#
_cell.length_a   37.825
_cell.length_b   380.854
_cell.length_c   37.853
_cell.angle_alpha   90.00
_cell.angle_beta   91.60
_cell.angle_gamma   90.00
#
_symmetry.space_group_name_H-M   'P 1 21 1'
#
loop_
_entity.id
_entity.type
_entity.pdbx_description
1 polymer 'Group B streptococcal R4 surface protein'
2 water water
#
_entity_poly.entity_id   1
_entity_poly.type   'polypeptide(L)'
_entity_poly.pdbx_seq_one_letter_code
;GPLGSDADKNDPAGKDQQVNVGETPKAEDSIGNLPDLPKGTTVAFETPVDTATPGDKPAKVVVTYPDGSKDTVDVTVKVV
DPRTDADKNDPAGKDQQVNVGETPKAEDSIGNLPDLPKGTTVAFETPVDTATPGDKPAKVVVTYPDGSKDTVDVTVKVVD
PRT
;
_entity_poly.pdbx_strand_id   A,B,C,D,E,F,G,H
#
# COMPACT_ATOMS: atom_id res chain seq x y z
N GLY A 1 14.52 -23.25 -13.30
CA GLY A 1 15.14 -22.26 -12.45
C GLY A 1 14.42 -22.12 -11.13
N PRO A 2 13.73 -21.01 -10.82
CA PRO A 2 12.98 -20.95 -9.54
C PRO A 2 11.52 -21.45 -9.72
N LEU A 3 10.77 -21.74 -8.63
CA LEU A 3 9.34 -22.05 -8.78
C LEU A 3 8.68 -20.68 -9.01
N GLY A 4 7.74 -20.58 -9.95
CA GLY A 4 7.04 -19.35 -10.28
C GLY A 4 6.42 -18.59 -9.12
N SER A 5 6.25 -17.27 -9.29
CA SER A 5 5.65 -16.35 -8.31
C SER A 5 4.13 -16.42 -8.42
N ASP A 6 3.42 -15.86 -7.43
CA ASP A 6 1.96 -15.82 -7.44
C ASP A 6 1.44 -14.89 -8.53
N ALA A 7 2.21 -13.82 -8.84
CA ALA A 7 1.84 -12.87 -9.90
C ALA A 7 2.09 -13.55 -11.25
N ASP A 8 3.12 -14.42 -11.33
CA ASP A 8 3.40 -15.20 -12.54
C ASP A 8 2.20 -16.12 -12.83
N LYS A 9 1.52 -16.66 -11.79
CA LYS A 9 0.39 -17.60 -11.90
C LYS A 9 -0.98 -16.99 -12.21
N ASN A 10 -1.29 -15.83 -11.57
CA ASN A 10 -2.57 -15.16 -11.66
C ASN A 10 -2.56 -13.85 -12.47
N ASP A 11 -3.77 -13.42 -12.88
CA ASP A 11 -4.01 -12.16 -13.56
C ASP A 11 -5.31 -11.55 -12.98
N PRO A 12 -5.19 -10.44 -12.20
CA PRO A 12 -6.40 -9.82 -11.65
C PRO A 12 -7.16 -9.06 -12.74
N ALA A 13 -8.50 -8.98 -12.58
CA ALA A 13 -9.40 -8.34 -13.54
C ALA A 13 -9.96 -7.01 -13.05
N GLY A 14 -9.82 -5.99 -13.91
CA GLY A 14 -10.32 -4.65 -13.66
C GLY A 14 -11.83 -4.60 -13.74
N LYS A 15 -12.43 -3.74 -12.93
CA LYS A 15 -13.87 -3.56 -12.83
C LYS A 15 -14.15 -2.09 -12.52
N ASP A 16 -15.06 -1.48 -13.28
CA ASP A 16 -15.45 -0.09 -13.06
C ASP A 16 -16.54 -0.04 -12.00
N GLN A 17 -16.41 0.92 -11.07
CA GLN A 17 -17.35 1.12 -9.96
C GLN A 17 -17.86 2.55 -10.00
N GLN A 18 -19.04 2.80 -9.40
CA GLN A 18 -19.67 4.11 -9.34
C GLN A 18 -19.89 4.56 -7.91
N VAL A 19 -19.50 5.81 -7.58
CA VAL A 19 -19.62 6.42 -6.24
C VAL A 19 -20.15 7.87 -6.33
N ASN A 20 -20.58 8.46 -5.18
CA ASN A 20 -21.05 9.84 -5.16
C ASN A 20 -19.93 10.80 -4.82
N VAL A 21 -20.18 12.11 -5.01
CA VAL A 21 -19.22 13.13 -4.66
C VAL A 21 -19.04 13.11 -3.12
N GLY A 22 -17.79 12.96 -2.71
CA GLY A 22 -17.44 12.89 -1.29
C GLY A 22 -17.32 11.48 -0.75
N GLU A 23 -17.87 10.49 -1.49
CA GLU A 23 -17.81 9.08 -1.09
C GLU A 23 -16.44 8.52 -1.41
N THR A 24 -15.89 7.67 -0.54
CA THR A 24 -14.59 7.03 -0.80
C THR A 24 -14.79 5.62 -1.42
N PRO A 25 -14.25 5.35 -2.63
CA PRO A 25 -14.40 4.02 -3.23
C PRO A 25 -13.46 2.97 -2.63
N LYS A 26 -13.91 1.70 -2.64
CA LYS A 26 -13.14 0.57 -2.11
C LYS A 26 -12.44 -0.12 -3.26
N ALA A 27 -11.14 -0.50 -3.07
CA ALA A 27 -10.35 -1.18 -4.10
C ALA A 27 -10.96 -2.51 -4.48
N GLU A 28 -11.54 -3.22 -3.48
CA GLU A 28 -12.21 -4.52 -3.63
C GLU A 28 -13.34 -4.45 -4.67
N ASP A 29 -14.02 -3.32 -4.73
CA ASP A 29 -15.11 -3.07 -5.67
C ASP A 29 -14.59 -2.80 -7.09
N SER A 30 -13.27 -2.58 -7.24
CA SER A 30 -12.63 -2.34 -8.55
C SER A 30 -11.99 -3.62 -9.13
N ILE A 31 -12.10 -4.77 -8.42
CA ILE A 31 -11.57 -6.06 -8.86
C ILE A 31 -12.67 -7.11 -8.97
N GLY A 32 -12.84 -7.64 -10.18
CA GLY A 32 -13.84 -8.65 -10.50
C GLY A 32 -13.56 -10.00 -9.90
N ASN A 33 -12.48 -10.66 -10.37
CA ASN A 33 -12.08 -12.02 -10.01
C ASN A 33 -11.20 -12.14 -8.75
N LEU A 34 -11.59 -11.49 -7.65
CA LEU A 34 -10.85 -11.62 -6.38
C LEU A 34 -10.83 -13.09 -5.85
N PRO A 35 -11.91 -13.90 -5.97
CA PRO A 35 -11.84 -15.30 -5.48
C PRO A 35 -10.92 -16.23 -6.30
N ASP A 36 -10.69 -15.90 -7.60
CA ASP A 36 -9.79 -16.66 -8.49
C ASP A 36 -8.35 -16.50 -8.03
N LEU A 37 -8.03 -15.33 -7.46
CA LEU A 37 -6.72 -14.99 -6.92
C LEU A 37 -6.49 -15.79 -5.61
N PRO A 38 -5.24 -15.96 -5.14
CA PRO A 38 -5.01 -16.74 -3.92
C PRO A 38 -5.61 -16.13 -2.66
N LYS A 39 -5.92 -16.97 -1.65
CA LYS A 39 -6.44 -16.50 -0.37
C LYS A 39 -5.31 -15.75 0.33
N GLY A 40 -5.62 -14.58 0.88
CA GLY A 40 -4.62 -13.74 1.53
C GLY A 40 -4.18 -12.56 0.67
N THR A 41 -4.55 -12.57 -0.62
CA THR A 41 -4.27 -11.53 -1.61
C THR A 41 -4.97 -10.25 -1.18
N THR A 42 -4.21 -9.14 -1.11
CA THR A 42 -4.77 -7.85 -0.75
C THR A 42 -4.80 -6.92 -1.94
N VAL A 43 -5.81 -6.04 -1.96
CA VAL A 43 -6.01 -5.04 -2.99
C VAL A 43 -6.07 -3.66 -2.36
N ALA A 44 -5.45 -2.67 -3.01
CA ALA A 44 -5.39 -1.27 -2.55
C ALA A 44 -5.23 -0.33 -3.73
N PHE A 45 -5.69 0.92 -3.58
CA PHE A 45 -5.48 1.90 -4.64
C PHE A 45 -4.06 2.43 -4.48
N GLU A 46 -3.32 2.57 -5.59
CA GLU A 46 -1.97 3.12 -5.56
C GLU A 46 -2.04 4.58 -5.16
N THR A 47 -3.01 5.28 -5.76
CA THR A 47 -3.30 6.69 -5.52
C THR A 47 -4.72 6.82 -4.94
N PRO A 48 -4.89 7.26 -3.65
CA PRO A 48 -6.25 7.43 -3.10
C PRO A 48 -7.08 8.29 -4.04
N VAL A 49 -8.26 7.77 -4.45
CA VAL A 49 -9.14 8.39 -5.45
C VAL A 49 -9.75 9.71 -4.96
N ASP A 50 -9.72 10.74 -5.85
CA ASP A 50 -10.28 12.08 -5.61
C ASP A 50 -11.77 12.04 -5.98
N THR A 51 -12.64 12.30 -4.99
CA THR A 51 -14.08 12.28 -5.20
C THR A 51 -14.73 13.64 -4.87
N ALA A 52 -13.91 14.71 -4.79
CA ALA A 52 -14.37 16.08 -4.50
C ALA A 52 -15.16 16.73 -5.65
N THR A 53 -14.99 16.21 -6.89
CA THR A 53 -15.65 16.68 -8.11
C THR A 53 -16.22 15.51 -8.93
N PRO A 54 -17.30 15.69 -9.71
CA PRO A 54 -17.82 14.56 -10.52
C PRO A 54 -16.95 14.29 -11.75
N GLY A 55 -17.15 13.13 -12.37
CA GLY A 55 -16.42 12.70 -13.55
C GLY A 55 -15.69 11.38 -13.39
N ASP A 56 -15.39 10.72 -14.53
CA ASP A 56 -14.67 9.46 -14.61
C ASP A 56 -13.21 9.66 -14.17
N LYS A 57 -12.83 9.00 -13.06
CA LYS A 57 -11.50 9.12 -12.45
C LYS A 57 -10.60 7.91 -12.75
N PRO A 58 -9.38 8.15 -13.29
CA PRO A 58 -8.47 7.02 -13.56
C PRO A 58 -7.77 6.55 -12.28
N ALA A 59 -7.74 5.21 -12.05
CA ALA A 59 -7.13 4.65 -10.84
C ALA A 59 -6.33 3.39 -11.08
N LYS A 60 -5.37 3.12 -10.20
CA LYS A 60 -4.53 1.91 -10.25
C LYS A 60 -4.71 1.10 -8.98
N VAL A 61 -5.13 -0.16 -9.13
CA VAL A 61 -5.29 -1.09 -8.01
C VAL A 61 -4.06 -1.99 -7.94
N VAL A 62 -3.33 -1.92 -6.82
CA VAL A 62 -2.16 -2.76 -6.56
C VAL A 62 -2.64 -4.02 -5.85
N VAL A 63 -2.35 -5.17 -6.46
CA VAL A 63 -2.72 -6.50 -6.00
C VAL A 63 -1.48 -7.15 -5.43
N THR A 64 -1.41 -7.25 -4.09
CA THR A 64 -0.28 -7.86 -3.39
C THR A 64 -0.65 -9.29 -3.02
N TYR A 65 0.12 -10.25 -3.58
CA TYR A 65 -0.09 -11.67 -3.36
C TYR A 65 0.61 -12.16 -2.08
N PRO A 66 0.17 -13.30 -1.48
CA PRO A 66 0.78 -13.77 -0.23
C PRO A 66 2.32 -13.91 -0.25
N ASP A 67 2.93 -14.19 -1.42
CA ASP A 67 4.38 -14.32 -1.52
C ASP A 67 5.14 -12.99 -1.69
N GLY A 68 4.41 -11.88 -1.73
CA GLY A 68 5.01 -10.55 -1.88
C GLY A 68 4.97 -10.00 -3.29
N SER A 69 4.78 -10.89 -4.31
CA SER A 69 4.70 -10.46 -5.71
C SER A 69 3.46 -9.59 -5.92
N LYS A 70 3.55 -8.59 -6.81
CA LYS A 70 2.47 -7.63 -7.04
C LYS A 70 2.07 -7.47 -8.49
N ASP A 71 0.79 -7.17 -8.71
CA ASP A 71 0.20 -6.90 -10.01
C ASP A 71 -0.53 -5.53 -9.93
N THR A 72 -0.46 -4.73 -10.99
CA THR A 72 -1.12 -3.42 -11.06
C THR A 72 -2.25 -3.53 -12.06
N VAL A 73 -3.44 -3.03 -11.69
CA VAL A 73 -4.65 -3.05 -12.52
C VAL A 73 -5.18 -1.63 -12.75
N ASP A 74 -5.29 -1.22 -14.03
CA ASP A 74 -5.84 0.10 -14.37
C ASP A 74 -7.36 0.04 -14.44
N VAL A 75 -8.03 0.90 -13.66
CA VAL A 75 -9.49 0.99 -13.56
C VAL A 75 -10.01 2.42 -13.69
N THR A 76 -11.34 2.57 -13.86
CA THR A 76 -12.06 3.85 -13.91
C THR A 76 -13.09 3.89 -12.77
N VAL A 77 -13.09 4.98 -11.99
CA VAL A 77 -14.03 5.21 -10.89
C VAL A 77 -14.97 6.33 -11.31
N LYS A 78 -16.25 6.00 -11.54
CA LYS A 78 -17.26 6.98 -11.94
C LYS A 78 -17.78 7.73 -10.72
N VAL A 79 -17.44 9.03 -10.62
CA VAL A 79 -17.89 9.91 -9.54
C VAL A 79 -19.08 10.73 -10.06
N VAL A 80 -20.23 10.64 -9.39
CA VAL A 80 -21.44 11.36 -9.81
C VAL A 80 -21.95 12.30 -8.70
N ASP A 81 -22.58 13.43 -9.09
CA ASP A 81 -23.14 14.39 -8.14
C ASP A 81 -24.59 13.99 -7.95
N PRO A 82 -25.02 13.58 -6.73
CA PRO A 82 -26.45 13.23 -6.55
C PRO A 82 -27.38 14.46 -6.67
N ARG A 83 -26.87 15.67 -6.37
CA ARG A 83 -27.63 16.92 -6.48
C ARG A 83 -27.54 17.48 -7.91
N THR A 84 -28.71 17.74 -8.53
CA THR A 84 -28.88 18.25 -9.92
C THR A 84 -28.55 19.75 -9.96
N ASP A 85 -28.44 20.34 -11.18
CA ASP A 85 -28.16 21.78 -11.30
C ASP A 85 -29.30 22.63 -10.71
N ALA A 86 -30.55 22.11 -10.79
CA ALA A 86 -31.76 22.74 -10.23
C ALA A 86 -31.68 22.75 -8.69
N ASP A 87 -30.95 21.80 -8.08
CA ASP A 87 -30.72 21.71 -6.63
C ASP A 87 -29.58 22.64 -6.24
N LYS A 88 -28.59 22.75 -7.15
CA LYS A 88 -27.38 23.54 -6.98
C LYS A 88 -27.55 25.05 -7.29
N ASN A 89 -28.70 25.45 -7.88
CA ASN A 89 -28.95 26.85 -8.26
C ASN A 89 -30.35 27.38 -7.93
N ASP A 90 -30.45 28.70 -7.66
CA ASP A 90 -31.73 29.37 -7.37
C ASP A 90 -31.86 30.61 -8.25
N PRO A 91 -32.63 30.53 -9.36
CA PRO A 91 -32.77 31.70 -10.24
C PRO A 91 -33.55 32.84 -9.58
N ALA A 92 -32.97 34.04 -9.64
CA ALA A 92 -33.54 35.27 -9.10
C ALA A 92 -34.37 35.94 -10.17
N GLY A 93 -35.66 35.75 -10.04
CA GLY A 93 -36.65 36.32 -10.94
C GLY A 93 -36.76 37.82 -10.82
N LYS A 94 -36.96 38.48 -11.95
CA LYS A 94 -37.13 39.91 -12.00
C LYS A 94 -38.42 40.25 -12.72
N ASP A 95 -39.21 41.15 -12.13
CA ASP A 95 -40.43 41.62 -12.77
C ASP A 95 -39.96 42.67 -13.76
N GLN A 96 -40.38 42.56 -15.02
CA GLN A 96 -39.95 43.51 -16.02
C GLN A 96 -41.13 44.31 -16.55
N GLN A 97 -40.86 45.55 -17.00
CA GLN A 97 -41.88 46.43 -17.55
C GLN A 97 -41.66 46.63 -19.03
N VAL A 98 -42.74 46.52 -19.80
CA VAL A 98 -42.77 46.71 -21.25
C VAL A 98 -43.96 47.58 -21.65
N ASN A 99 -43.94 48.13 -22.87
CA ASN A 99 -45.03 48.93 -23.42
C ASN A 99 -46.01 47.99 -24.11
N VAL A 100 -47.21 48.47 -24.45
CA VAL A 100 -48.24 47.69 -25.15
C VAL A 100 -47.71 47.28 -26.54
N GLY A 101 -47.76 45.98 -26.85
CA GLY A 101 -47.32 45.44 -28.14
C GLY A 101 -45.89 44.91 -28.17
N GLU A 102 -45.09 45.28 -27.13
CA GLU A 102 -43.70 44.86 -26.97
C GLU A 102 -43.66 43.39 -26.60
N THR A 103 -42.69 42.63 -27.13
CA THR A 103 -42.54 41.22 -26.79
C THR A 103 -41.50 41.09 -25.68
N PRO A 104 -41.87 40.54 -24.49
CA PRO A 104 -40.85 40.43 -23.42
C PRO A 104 -39.95 39.22 -23.59
N LYS A 105 -38.65 39.41 -23.28
CA LYS A 105 -37.61 38.38 -23.34
C LYS A 105 -37.49 37.77 -21.94
N ALA A 106 -37.46 36.41 -21.86
CA ALA A 106 -37.35 35.70 -20.59
C ALA A 106 -36.04 36.02 -19.87
N GLU A 107 -34.98 36.32 -20.66
CA GLU A 107 -33.63 36.70 -20.20
C GLU A 107 -33.72 37.91 -19.28
N ASP A 108 -34.52 38.90 -19.69
CA ASP A 108 -34.79 40.14 -18.95
C ASP A 108 -35.74 39.94 -17.75
N SER A 109 -36.24 38.70 -17.56
CA SER A 109 -37.09 38.35 -16.42
C SER A 109 -36.32 37.50 -15.37
N ILE A 110 -34.99 37.27 -15.57
CA ILE A 110 -34.04 36.57 -14.68
C ILE A 110 -32.78 37.46 -14.54
N GLY A 111 -32.49 37.85 -13.30
CA GLY A 111 -31.42 38.78 -12.97
C GLY A 111 -30.05 38.22 -12.71
N ASN A 112 -29.95 36.91 -12.35
CA ASN A 112 -28.70 36.22 -12.01
C ASN A 112 -28.29 35.12 -13.03
N LEU A 113 -28.32 35.46 -14.34
CA LEU A 113 -27.94 34.52 -15.38
C LEU A 113 -26.48 34.05 -15.23
N PRO A 114 -25.44 34.92 -14.97
CA PRO A 114 -24.07 34.40 -14.78
C PRO A 114 -23.87 33.52 -13.55
N ASP A 115 -24.74 33.67 -12.52
CA ASP A 115 -24.71 32.86 -11.27
C ASP A 115 -25.18 31.43 -11.58
N LEU A 116 -25.90 31.26 -12.70
CA LEU A 116 -26.39 29.96 -13.16
C LEU A 116 -25.31 29.30 -14.05
N PRO A 117 -25.31 27.96 -14.25
CA PRO A 117 -24.26 27.34 -15.09
C PRO A 117 -24.20 27.82 -16.54
N LYS A 118 -23.01 27.70 -17.15
CA LYS A 118 -22.79 28.09 -18.55
C LYS A 118 -23.53 27.09 -19.43
N GLY A 119 -24.46 27.61 -20.22
CA GLY A 119 -25.29 26.81 -21.12
C GLY A 119 -26.75 26.72 -20.72
N THR A 120 -27.09 27.27 -19.53
CA THR A 120 -28.45 27.32 -19.01
C THR A 120 -29.30 28.24 -19.92
N THR A 121 -30.54 27.83 -20.22
CA THR A 121 -31.44 28.61 -21.08
C THR A 121 -32.73 28.97 -20.37
N VAL A 122 -33.30 30.14 -20.72
CA VAL A 122 -34.54 30.66 -20.13
C VAL A 122 -35.59 31.02 -21.18
N ALA A 123 -36.83 30.52 -20.99
CA ALA A 123 -37.98 30.77 -21.87
C ALA A 123 -39.27 30.86 -21.06
N PHE A 124 -40.25 31.59 -21.56
CA PHE A 124 -41.53 31.69 -20.87
C PHE A 124 -42.32 30.44 -21.16
N GLU A 125 -43.02 29.90 -20.16
CA GLU A 125 -43.84 28.69 -20.31
C GLU A 125 -44.93 28.94 -21.37
N THR A 126 -45.56 30.10 -21.27
CA THR A 126 -46.62 30.55 -22.16
C THR A 126 -46.22 31.95 -22.65
N PRO A 127 -46.37 32.27 -23.96
CA PRO A 127 -46.07 33.64 -24.44
C PRO A 127 -46.91 34.70 -23.71
N VAL A 128 -46.28 35.82 -23.35
CA VAL A 128 -46.94 36.91 -22.61
C VAL A 128 -47.79 37.79 -23.54
N ASP A 129 -49.06 38.04 -23.15
CA ASP A 129 -49.99 38.90 -23.85
C ASP A 129 -49.68 40.36 -23.48
N THR A 130 -49.37 41.20 -24.48
CA THR A 130 -49.00 42.60 -24.23
C THR A 130 -49.90 43.56 -25.00
N ALA A 131 -50.97 43.04 -25.63
CA ALA A 131 -51.94 43.81 -26.42
C ALA A 131 -52.72 44.83 -25.61
N THR A 132 -52.76 44.67 -24.28
CA THR A 132 -53.47 45.57 -23.35
C THR A 132 -52.58 45.87 -22.14
N PRO A 133 -52.69 47.05 -21.47
CA PRO A 133 -51.86 47.29 -20.28
C PRO A 133 -52.29 46.46 -19.07
N GLY A 134 -51.41 46.37 -18.07
CA GLY A 134 -51.67 45.63 -16.84
C GLY A 134 -50.57 44.66 -16.43
N ASP A 135 -50.67 44.14 -15.19
CA ASP A 135 -49.75 43.17 -14.63
C ASP A 135 -50.10 41.76 -15.11
N LYS A 136 -49.24 41.21 -15.98
CA LYS A 136 -49.40 39.89 -16.59
C LYS A 136 -48.57 38.83 -15.86
N PRO A 137 -49.21 37.83 -15.22
CA PRO A 137 -48.42 36.78 -14.54
C PRO A 137 -47.78 35.83 -15.54
N ALA A 138 -46.51 35.49 -15.33
CA ALA A 138 -45.75 34.63 -16.22
C ALA A 138 -44.82 33.67 -15.48
N LYS A 139 -44.41 32.60 -16.15
CA LYS A 139 -43.51 31.59 -15.62
C LYS A 139 -42.31 31.44 -16.54
N VAL A 140 -41.11 31.63 -15.98
CA VAL A 140 -39.86 31.48 -16.72
C VAL A 140 -39.33 30.07 -16.42
N VAL A 141 -39.17 29.25 -17.47
CA VAL A 141 -38.63 27.90 -17.37
C VAL A 141 -37.13 27.99 -17.56
N VAL A 142 -36.39 27.61 -16.51
CA VAL A 142 -34.93 27.64 -16.46
C VAL A 142 -34.45 26.21 -16.75
N THR A 143 -33.90 25.99 -17.95
CA THR A 143 -33.38 24.69 -18.38
C THR A 143 -31.86 24.67 -18.19
N TYR A 144 -31.41 23.87 -17.22
CA TYR A 144 -30.00 23.73 -16.86
C TYR A 144 -29.20 22.84 -17.82
N PRO A 145 -27.83 22.92 -17.85
CA PRO A 145 -27.05 22.08 -18.78
C PRO A 145 -27.07 20.56 -18.48
N ASP A 146 -27.48 20.14 -17.27
CA ASP A 146 -27.63 18.73 -16.90
C ASP A 146 -29.04 18.17 -17.25
N GLY A 147 -29.88 18.98 -17.86
CA GLY A 147 -31.23 18.60 -18.24
C GLY A 147 -32.32 19.01 -17.25
N SER A 148 -31.94 19.21 -15.95
CA SER A 148 -32.87 19.59 -14.88
C SER A 148 -33.48 20.98 -15.13
N LYS A 149 -34.67 21.22 -14.54
CA LYS A 149 -35.38 22.48 -14.71
C LYS A 149 -35.92 23.09 -13.44
N ASP A 150 -35.85 24.40 -13.37
CA ASP A 150 -36.48 25.17 -12.31
C ASP A 150 -37.53 26.03 -13.01
N THR A 151 -38.56 26.45 -12.28
CA THR A 151 -39.63 27.32 -12.79
C THR A 151 -39.78 28.50 -11.85
N VAL A 152 -39.67 29.72 -12.41
CA VAL A 152 -39.75 30.99 -11.69
C VAL A 152 -41.07 31.71 -12.06
N ASP A 153 -41.81 32.16 -11.04
CA ASP A 153 -43.04 32.94 -11.22
C ASP A 153 -42.68 34.42 -11.19
N VAL A 154 -42.98 35.14 -12.28
CA VAL A 154 -42.71 36.58 -12.44
C VAL A 154 -43.96 37.33 -12.91
N THR A 155 -43.89 38.68 -12.90
CA THR A 155 -44.94 39.57 -13.38
C THR A 155 -44.37 40.45 -14.50
N VAL A 156 -45.08 40.53 -15.64
CA VAL A 156 -44.66 41.41 -16.71
C VAL A 156 -45.66 42.55 -16.65
N LYS A 157 -45.18 43.75 -16.27
CA LYS A 157 -46.03 44.94 -16.20
C LYS A 157 -46.11 45.58 -17.58
N VAL A 158 -47.33 45.67 -18.15
CA VAL A 158 -47.55 46.27 -19.46
C VAL A 158 -48.10 47.68 -19.28
N VAL A 159 -47.43 48.68 -19.87
CA VAL A 159 -47.83 50.08 -19.74
C VAL A 159 -48.25 50.71 -21.06
N ASP A 160 -49.11 51.73 -20.98
CA ASP A 160 -49.57 52.51 -22.12
C ASP A 160 -48.70 53.78 -22.14
N PRO A 161 -47.84 53.97 -23.18
CA PRO A 161 -46.91 55.12 -23.18
C PRO A 161 -47.53 56.50 -23.27
N ARG A 162 -48.81 56.57 -23.66
CA ARG A 162 -49.56 57.82 -23.76
C ARG A 162 -50.44 57.98 -22.52
N THR A 163 -49.82 57.83 -21.33
CA THR A 163 -50.44 57.94 -20.00
C THR A 163 -49.39 58.36 -18.96
N PRO B 2 44.23 -41.26 10.43
CA PRO B 2 42.83 -41.05 9.98
C PRO B 2 42.73 -40.55 8.56
N LEU B 3 41.99 -41.30 7.73
CA LEU B 3 41.77 -40.98 6.35
C LEU B 3 40.79 -39.80 6.29
N GLY B 4 41.10 -38.83 5.45
CA GLY B 4 40.28 -37.64 5.28
C GLY B 4 38.86 -37.88 4.84
N SER B 5 37.98 -36.92 5.12
CA SER B 5 36.56 -36.96 4.75
C SER B 5 36.36 -36.44 3.33
N ASP B 6 35.15 -36.66 2.77
CA ASP B 6 34.77 -36.16 1.45
C ASP B 6 34.82 -34.63 1.35
N ALA B 7 34.59 -33.93 2.47
CA ALA B 7 34.65 -32.47 2.57
C ALA B 7 36.08 -31.95 2.42
N ASP B 8 37.08 -32.73 2.84
CA ASP B 8 38.49 -32.39 2.73
C ASP B 8 38.98 -32.62 1.29
N LYS B 9 38.31 -33.55 0.56
CA LYS B 9 38.65 -33.95 -0.81
C LYS B 9 37.96 -33.12 -1.90
N ASN B 10 36.81 -32.50 -1.57
CA ASN B 10 36.06 -31.68 -2.52
C ASN B 10 35.90 -30.24 -2.04
N ASP B 11 35.78 -29.31 -3.00
CA ASP B 11 35.57 -27.89 -2.75
C ASP B 11 34.36 -27.44 -3.61
N PRO B 12 33.12 -27.27 -3.03
CA PRO B 12 31.99 -26.76 -3.86
C PRO B 12 32.23 -25.25 -4.08
N ALA B 13 31.64 -24.75 -5.13
CA ALA B 13 31.85 -23.36 -5.57
C ALA B 13 30.55 -22.72 -5.98
N GLY B 14 30.27 -21.61 -5.27
CA GLY B 14 29.00 -20.88 -5.46
C GLY B 14 28.76 -20.20 -6.79
N LYS B 15 27.50 -20.21 -7.19
CA LYS B 15 27.17 -19.52 -8.41
C LYS B 15 25.87 -18.75 -8.18
N ASP B 16 26.00 -17.41 -8.33
CA ASP B 16 24.87 -16.51 -8.11
C ASP B 16 23.64 -16.90 -8.97
N GLN B 17 22.49 -16.41 -8.60
CA GLN B 17 21.30 -16.65 -9.41
C GLN B 17 20.35 -15.49 -9.26
N GLN B 18 19.33 -15.43 -10.15
CA GLN B 18 18.34 -14.35 -10.18
C GLN B 18 16.91 -14.90 -10.25
N VAL B 19 16.09 -14.26 -9.44
CA VAL B 19 14.69 -14.49 -9.20
C VAL B 19 13.96 -13.21 -9.19
N ASN B 20 12.66 -13.31 -9.51
CA ASN B 20 11.76 -12.22 -9.28
C ASN B 20 11.25 -12.44 -7.84
N VAL B 21 10.43 -11.48 -7.37
CA VAL B 21 9.85 -11.46 -6.05
C VAL B 21 8.75 -12.51 -6.06
N GLY B 22 8.66 -13.28 -4.98
CA GLY B 22 7.62 -14.28 -4.82
C GLY B 22 7.93 -15.65 -5.38
N GLU B 23 9.13 -15.74 -5.96
CA GLU B 23 9.70 -16.95 -6.54
C GLU B 23 10.70 -17.59 -5.55
N THR B 24 10.53 -18.90 -5.30
CA THR B 24 11.40 -19.65 -4.37
C THR B 24 12.61 -20.31 -5.10
N PRO B 25 13.88 -19.80 -4.97
CA PRO B 25 15.01 -20.49 -5.62
C PRO B 25 15.43 -21.83 -4.97
N LYS B 26 15.81 -22.87 -5.78
CA LYS B 26 16.37 -24.18 -5.37
C LYS B 26 17.89 -23.98 -5.25
N ALA B 27 18.53 -24.44 -4.14
CA ALA B 27 19.98 -24.31 -3.82
C ALA B 27 20.89 -24.83 -4.87
N GLU B 28 20.43 -25.91 -5.57
CA GLU B 28 21.23 -26.43 -6.66
C GLU B 28 21.80 -25.29 -7.55
N ASP B 29 20.88 -24.35 -8.02
CA ASP B 29 21.06 -23.21 -8.93
C ASP B 29 22.06 -22.15 -8.42
N SER B 30 22.60 -22.37 -7.22
CA SER B 30 23.56 -21.51 -6.55
C SER B 30 24.88 -22.22 -6.36
N ILE B 31 24.98 -23.45 -6.94
CA ILE B 31 26.16 -24.34 -6.90
C ILE B 31 26.61 -24.56 -8.37
N GLY B 32 27.88 -24.17 -8.64
CA GLY B 32 28.60 -24.13 -9.92
C GLY B 32 29.28 -25.39 -10.44
N ASN B 33 29.65 -26.29 -9.53
CA ASN B 33 30.42 -27.49 -9.77
C ASN B 33 29.85 -28.67 -9.06
N LEU B 34 28.55 -28.84 -9.14
CA LEU B 34 27.89 -30.02 -8.58
C LEU B 34 28.42 -31.35 -9.21
N PRO B 35 28.72 -31.43 -10.54
CA PRO B 35 29.25 -32.70 -11.09
C PRO B 35 30.67 -33.06 -10.65
N ASP B 36 31.49 -32.06 -10.28
CA ASP B 36 32.85 -32.28 -9.79
C ASP B 36 32.84 -32.96 -8.41
N LEU B 37 31.76 -32.69 -7.64
CA LEU B 37 31.52 -33.25 -6.31
C LEU B 37 31.12 -34.74 -6.44
N PRO B 38 31.23 -35.55 -5.36
CA PRO B 38 30.89 -36.98 -5.48
C PRO B 38 29.43 -37.23 -5.79
N LYS B 39 29.11 -38.37 -6.45
CA LYS B 39 27.72 -38.72 -6.73
C LYS B 39 27.04 -39.01 -5.40
N GLY B 40 25.84 -38.50 -5.21
CA GLY B 40 25.12 -38.68 -3.96
C GLY B 40 25.15 -37.46 -3.05
N THR B 41 26.06 -36.49 -3.37
CA THR B 41 26.20 -35.22 -2.66
C THR B 41 24.88 -34.41 -2.81
N THR B 42 24.33 -33.95 -1.67
CA THR B 42 23.12 -33.17 -1.64
C THR B 42 23.41 -31.74 -1.24
N VAL B 43 22.59 -30.81 -1.78
CA VAL B 43 22.67 -29.37 -1.54
C VAL B 43 21.35 -28.84 -1.01
N ALA B 44 21.41 -27.89 -0.06
CA ALA B 44 20.25 -27.25 0.55
C ALA B 44 20.61 -25.88 1.10
N PHE B 45 19.63 -24.97 1.20
CA PHE B 45 19.89 -23.67 1.82
C PHE B 45 19.85 -23.88 3.31
N GLU B 46 20.80 -23.29 4.06
CA GLU B 46 20.85 -23.41 5.51
C GLU B 46 19.62 -22.71 6.08
N THR B 47 19.34 -21.51 5.53
CA THR B 47 18.22 -20.65 5.87
C THR B 47 17.36 -20.42 4.60
N PRO B 48 16.08 -20.91 4.57
CA PRO B 48 15.22 -20.63 3.40
C PRO B 48 15.25 -19.15 3.01
N VAL B 49 15.58 -18.85 1.74
CA VAL B 49 15.72 -17.48 1.19
C VAL B 49 14.38 -16.74 1.13
N ASP B 50 14.38 -15.47 1.61
CA ASP B 50 13.20 -14.59 1.63
C ASP B 50 13.17 -13.83 0.32
N THR B 51 12.09 -14.00 -0.46
CA THR B 51 11.94 -13.33 -1.76
C THR B 51 10.70 -12.43 -1.82
N ALA B 52 10.14 -12.06 -0.66
CA ALA B 52 8.96 -11.18 -0.55
C ALA B 52 9.26 -9.71 -0.88
N THR B 53 10.54 -9.31 -0.82
CA THR B 53 11.04 -7.96 -1.10
C THR B 53 12.27 -7.99 -2.03
N PRO B 54 12.54 -6.96 -2.85
CA PRO B 54 13.73 -7.01 -3.72
C PRO B 54 15.06 -6.83 -2.99
N GLY B 55 16.15 -7.10 -3.72
CA GLY B 55 17.52 -6.94 -3.23
C GLY B 55 18.40 -8.17 -3.35
N ASP B 56 19.74 -7.94 -3.36
CA ASP B 56 20.78 -8.98 -3.36
C ASP B 56 20.77 -9.61 -1.97
N LYS B 57 20.35 -10.88 -1.91
CA LYS B 57 20.18 -11.61 -0.65
C LYS B 57 21.31 -12.57 -0.33
N PRO B 58 21.97 -12.42 0.86
CA PRO B 58 23.03 -13.37 1.23
C PRO B 58 22.46 -14.72 1.66
N ALA B 59 23.04 -15.82 1.13
CA ALA B 59 22.58 -17.17 1.45
C ALA B 59 23.74 -18.15 1.65
N LYS B 60 23.47 -19.23 2.41
CA LYS B 60 24.42 -20.29 2.68
C LYS B 60 23.89 -21.61 2.19
N VAL B 61 24.64 -22.26 1.29
CA VAL B 61 24.29 -23.57 0.76
C VAL B 61 25.11 -24.63 1.51
N VAL B 62 24.42 -25.56 2.20
CA VAL B 62 25.04 -26.66 2.92
C VAL B 62 25.12 -27.83 1.95
N VAL B 63 26.35 -28.31 1.75
CA VAL B 63 26.70 -29.40 0.85
C VAL B 63 27.01 -30.63 1.74
N THR B 64 26.08 -31.61 1.75
CA THR B 64 26.24 -32.85 2.50
C THR B 64 26.77 -33.94 1.57
N TYR B 65 27.98 -34.45 1.88
CA TYR B 65 28.65 -35.50 1.12
C TYR B 65 28.20 -36.91 1.50
N PRO B 66 28.38 -37.94 0.62
CA PRO B 66 27.89 -39.29 0.96
C PRO B 66 28.39 -39.87 2.30
N ASP B 67 29.59 -39.46 2.79
CA ASP B 67 30.12 -39.94 4.07
C ASP B 67 29.58 -39.18 5.29
N GLY B 68 28.76 -38.16 5.06
CA GLY B 68 28.20 -37.39 6.15
C GLY B 68 28.85 -36.05 6.40
N SER B 69 30.11 -35.88 5.91
CA SER B 69 30.85 -34.63 6.04
C SER B 69 30.15 -33.51 5.25
N LYS B 70 30.23 -32.27 5.75
CA LYS B 70 29.55 -31.13 5.14
C LYS B 70 30.44 -29.93 4.84
N ASP B 71 30.08 -29.18 3.80
CA ASP B 71 30.74 -27.94 3.38
C ASP B 71 29.68 -26.84 3.28
N THR B 72 30.02 -25.61 3.69
CA THR B 72 29.13 -24.45 3.62
C THR B 72 29.64 -23.52 2.54
N VAL B 73 28.74 -23.07 1.67
CA VAL B 73 29.06 -22.18 0.54
C VAL B 73 28.25 -20.89 0.64
N ASP B 74 28.95 -19.74 0.71
CA ASP B 74 28.30 -18.43 0.75
C ASP B 74 27.98 -17.98 -0.66
N VAL B 75 26.70 -17.66 -0.92
CA VAL B 75 26.19 -17.21 -2.22
C VAL B 75 25.33 -15.95 -2.10
N THR B 76 25.02 -15.32 -3.26
CA THR B 76 24.16 -14.16 -3.41
C THR B 76 22.98 -14.52 -4.33
N VAL B 77 21.75 -14.29 -3.85
CA VAL B 77 20.53 -14.51 -4.61
C VAL B 77 19.98 -13.14 -5.02
N LYS B 78 20.01 -12.81 -6.31
CA LYS B 78 19.44 -11.54 -6.77
C LYS B 78 17.91 -11.61 -6.92
N VAL B 79 17.22 -10.90 -6.02
CA VAL B 79 15.75 -10.74 -6.03
C VAL B 79 15.54 -9.40 -6.71
N VAL B 80 14.65 -9.39 -7.71
CA VAL B 80 14.32 -8.18 -8.47
C VAL B 80 12.81 -7.97 -8.55
N ASP B 81 12.39 -6.68 -8.57
CA ASP B 81 10.99 -6.28 -8.76
C ASP B 81 10.85 -6.10 -10.28
N PRO B 82 10.03 -6.94 -10.95
CA PRO B 82 9.91 -6.80 -12.41
C PRO B 82 9.17 -5.52 -12.84
N ARG B 83 8.19 -5.07 -12.01
CA ARG B 83 7.39 -3.86 -12.19
C ARG B 83 8.23 -2.59 -12.36
N THR B 84 7.82 -1.76 -13.33
CA THR B 84 8.45 -0.47 -13.66
C THR B 84 7.89 0.62 -12.71
N ASP B 85 8.49 1.81 -12.66
CA ASP B 85 7.98 2.91 -11.83
C ASP B 85 6.58 3.37 -12.29
N ALA B 86 6.28 3.25 -13.61
CA ALA B 86 4.99 3.55 -14.22
C ALA B 86 3.92 2.56 -13.71
N ASP B 87 4.33 1.33 -13.33
CA ASP B 87 3.43 0.30 -12.78
C ASP B 87 3.32 0.53 -11.27
N LYS B 88 4.38 1.06 -10.66
CA LYS B 88 4.46 1.32 -9.21
C LYS B 88 3.83 2.65 -8.79
N ASN B 89 3.45 3.53 -9.75
CA ASN B 89 2.87 4.85 -9.47
C ASN B 89 1.67 5.23 -10.35
N ASP B 90 0.76 6.05 -9.81
CA ASP B 90 -0.41 6.54 -10.52
C ASP B 90 -0.49 8.07 -10.39
N PRO B 91 -0.04 8.83 -11.42
CA PRO B 91 -0.10 10.30 -11.31
C PRO B 91 -1.53 10.82 -11.34
N ALA B 92 -1.87 11.73 -10.41
CA ALA B 92 -3.19 12.32 -10.28
C ALA B 92 -3.24 13.59 -11.11
N GLY B 93 -3.82 13.44 -12.29
CA GLY B 93 -4.00 14.52 -13.23
C GLY B 93 -5.05 15.49 -12.74
N LYS B 94 -4.69 16.78 -12.73
CA LYS B 94 -5.55 17.86 -12.29
C LYS B 94 -5.62 18.90 -13.40
N ASP B 95 -6.82 19.46 -13.62
CA ASP B 95 -7.02 20.51 -14.61
C ASP B 95 -6.55 21.81 -13.99
N GLN B 96 -5.92 22.67 -14.78
CA GLN B 96 -5.42 23.94 -14.24
C GLN B 96 -6.03 25.16 -14.96
N GLN B 97 -5.90 26.33 -14.34
CA GLN B 97 -6.40 27.57 -14.93
C GLN B 97 -5.31 28.62 -14.99
N VAL B 98 -5.17 29.25 -16.17
CA VAL B 98 -4.21 30.32 -16.45
C VAL B 98 -4.90 31.47 -17.19
N ASN B 99 -4.28 32.65 -17.19
CA ASN B 99 -4.77 33.81 -17.91
C ASN B 99 -4.19 33.77 -19.32
N VAL B 100 -4.72 34.60 -20.23
CA VAL B 100 -4.25 34.68 -21.61
C VAL B 100 -2.79 35.18 -21.62
N GLY B 101 -1.90 34.44 -22.29
CA GLY B 101 -0.49 34.80 -22.40
C GLY B 101 0.43 34.14 -21.39
N GLU B 102 -0.16 33.54 -20.34
CA GLU B 102 0.55 32.83 -19.26
C GLU B 102 1.08 31.51 -19.80
N THR B 103 2.30 31.14 -19.42
CA THR B 103 2.89 29.85 -19.81
C THR B 103 2.56 28.82 -18.71
N PRO B 104 1.75 27.77 -19.00
CA PRO B 104 1.40 26.82 -17.93
C PRO B 104 2.49 25.80 -17.60
N LYS B 105 2.65 25.53 -16.29
CA LYS B 105 3.59 24.54 -15.77
C LYS B 105 2.88 23.19 -15.71
N ALA B 106 3.54 22.11 -16.22
CA ALA B 106 2.99 20.76 -16.21
C ALA B 106 2.80 20.26 -14.78
N GLU B 107 3.69 20.70 -13.87
CA GLU B 107 3.69 20.39 -12.44
C GLU B 107 2.35 20.71 -11.78
N ASP B 108 1.72 21.81 -12.22
CA ASP B 108 0.41 22.26 -11.71
C ASP B 108 -0.74 21.36 -12.16
N SER B 109 -0.50 20.53 -13.19
CA SER B 109 -1.47 19.58 -13.71
C SER B 109 -1.31 18.19 -13.09
N ILE B 110 -0.38 18.03 -12.13
CA ILE B 110 -0.12 16.79 -11.39
C ILE B 110 -0.26 17.10 -9.91
N GLY B 111 -1.32 16.55 -9.31
CA GLY B 111 -1.69 16.75 -7.91
C GLY B 111 -0.80 16.12 -6.86
N ASN B 112 -0.29 14.90 -7.13
CA ASN B 112 0.54 14.11 -6.22
C ASN B 112 2.02 13.97 -6.65
N LEU B 113 2.73 15.09 -6.89
CA LEU B 113 4.15 15.08 -7.24
C LEU B 113 5.02 14.44 -6.14
N PRO B 114 4.85 14.74 -4.82
CA PRO B 114 5.68 14.07 -3.79
C PRO B 114 5.49 12.56 -3.67
N ASP B 115 4.30 12.05 -4.09
CA ASP B 115 3.97 10.61 -4.10
C ASP B 115 4.78 9.86 -5.18
N LEU B 116 5.28 10.59 -6.20
CA LEU B 116 6.05 10.03 -7.32
C LEU B 116 7.53 9.95 -6.92
N PRO B 117 8.34 9.02 -7.52
CA PRO B 117 9.76 8.90 -7.11
C PRO B 117 10.60 10.16 -7.26
N LYS B 118 11.67 10.28 -6.45
CA LYS B 118 12.57 11.43 -6.53
C LYS B 118 13.34 11.35 -7.85
N GLY B 119 13.21 12.39 -8.67
CA GLY B 119 13.85 12.45 -9.98
C GLY B 119 12.86 12.38 -11.13
N THR B 120 11.57 12.08 -10.83
CA THR B 120 10.48 12.05 -11.81
C THR B 120 10.25 13.47 -12.36
N THR B 121 10.07 13.58 -13.69
CA THR B 121 9.88 14.85 -14.36
C THR B 121 8.56 14.86 -15.12
N VAL B 122 7.89 16.02 -15.11
CA VAL B 122 6.63 16.21 -15.81
C VAL B 122 6.78 17.31 -16.84
N ALA B 123 6.20 17.08 -18.02
CA ALA B 123 6.25 18.01 -19.15
C ALA B 123 5.04 17.82 -20.05
N PHE B 124 4.60 18.88 -20.74
CA PHE B 124 3.49 18.76 -21.67
C PHE B 124 4.03 18.15 -22.95
N GLU B 125 3.27 17.22 -23.55
CA GLU B 125 3.70 16.56 -24.80
C GLU B 125 3.96 17.59 -25.90
N THR B 126 3.04 18.53 -26.03
CA THR B 126 3.09 19.63 -26.98
C THR B 126 2.81 20.91 -26.19
N PRO B 127 3.60 22.01 -26.40
CA PRO B 127 3.33 23.26 -25.66
C PRO B 127 1.90 23.78 -25.83
N VAL B 128 1.32 24.25 -24.74
CA VAL B 128 -0.06 24.75 -24.65
C VAL B 128 -0.16 26.18 -25.19
N ASP B 129 -1.14 26.41 -26.09
CA ASP B 129 -1.44 27.71 -26.67
C ASP B 129 -2.31 28.48 -25.70
N THR B 130 -1.85 29.66 -25.26
CA THR B 130 -2.58 30.47 -24.29
C THR B 130 -2.91 31.86 -24.81
N ALA B 131 -2.64 32.12 -26.11
CA ALA B 131 -2.87 33.38 -26.78
C ALA B 131 -4.36 33.78 -26.86
N THR B 132 -5.28 32.81 -26.69
CA THR B 132 -6.73 33.02 -26.73
C THR B 132 -7.40 32.28 -25.57
N PRO B 133 -8.55 32.74 -25.03
CA PRO B 133 -9.21 32.00 -23.93
C PRO B 133 -9.86 30.70 -24.40
N GLY B 134 -10.19 29.83 -23.46
CA GLY B 134 -10.83 28.56 -23.72
C GLY B 134 -10.16 27.35 -23.09
N ASP B 135 -10.86 26.20 -23.13
CA ASP B 135 -10.38 24.93 -22.57
C ASP B 135 -9.44 24.26 -23.57
N LYS B 136 -8.14 24.22 -23.24
CA LYS B 136 -7.10 23.67 -24.07
C LYS B 136 -6.76 22.24 -23.63
N PRO B 137 -6.98 21.22 -24.50
CA PRO B 137 -6.63 19.85 -24.11
C PRO B 137 -5.13 19.65 -24.14
N ALA B 138 -4.60 18.98 -23.12
CA ALA B 138 -3.17 18.74 -23.02
C ALA B 138 -2.85 17.36 -22.45
N LYS B 139 -1.63 16.90 -22.71
CA LYS B 139 -1.12 15.63 -22.23
C LYS B 139 0.13 15.89 -21.44
N VAL B 140 0.14 15.44 -20.18
CA VAL B 140 1.31 15.58 -19.30
C VAL B 140 2.03 14.25 -19.34
N VAL B 141 3.29 14.28 -19.79
CA VAL B 141 4.14 13.12 -19.86
C VAL B 141 4.92 13.06 -18.54
N VAL B 142 4.67 11.99 -17.77
CA VAL B 142 5.34 11.73 -16.51
C VAL B 142 6.50 10.78 -16.84
N THR B 143 7.76 11.28 -16.74
CA THR B 143 8.97 10.50 -16.99
C THR B 143 9.57 10.12 -15.64
N TYR B 144 9.52 8.83 -15.33
CA TYR B 144 10.01 8.27 -14.09
C TYR B 144 11.53 8.08 -14.07
N PRO B 145 12.19 7.94 -12.87
CA PRO B 145 13.65 7.79 -12.86
C PRO B 145 14.15 6.57 -13.61
N ASP B 146 13.40 5.44 -13.56
CA ASP B 146 13.73 4.17 -14.26
C ASP B 146 13.56 4.22 -15.79
N GLY B 147 13.17 5.38 -16.32
CA GLY B 147 13.00 5.56 -17.76
C GLY B 147 11.58 5.37 -18.26
N SER B 148 10.76 4.60 -17.50
CA SER B 148 9.36 4.33 -17.85
C SER B 148 8.51 5.61 -17.79
N LYS B 149 7.40 5.65 -18.56
CA LYS B 149 6.54 6.84 -18.65
C LYS B 149 5.05 6.58 -18.49
N ASP B 150 4.34 7.54 -17.87
CA ASP B 150 2.88 7.55 -17.69
C ASP B 150 2.31 8.84 -18.29
N THR B 151 1.29 8.74 -19.14
CA THR B 151 0.68 9.90 -19.80
C THR B 151 -0.69 10.20 -19.19
N VAL B 152 -0.90 11.49 -18.83
CA VAL B 152 -2.15 11.97 -18.24
C VAL B 152 -2.81 13.00 -19.14
N ASP B 153 -4.08 12.78 -19.50
CA ASP B 153 -4.87 13.71 -20.30
C ASP B 153 -5.51 14.73 -19.35
N VAL B 154 -5.20 16.02 -19.55
CA VAL B 154 -5.71 17.14 -18.73
C VAL B 154 -6.26 18.27 -19.60
N THR B 155 -6.92 19.26 -18.96
CA THR B 155 -7.46 20.46 -19.60
C THR B 155 -6.83 21.69 -18.94
N VAL B 156 -6.29 22.60 -19.76
CA VAL B 156 -5.71 23.86 -19.29
C VAL B 156 -6.72 24.94 -19.69
N LYS B 157 -7.47 25.45 -18.70
CA LYS B 157 -8.49 26.46 -18.92
C LYS B 157 -7.83 27.84 -19.02
N VAL B 158 -7.99 28.51 -20.19
CA VAL B 158 -7.42 29.83 -20.41
C VAL B 158 -8.53 30.88 -20.25
N VAL B 159 -8.30 31.85 -19.35
CA VAL B 159 -9.30 32.88 -19.06
C VAL B 159 -8.84 34.29 -19.45
N ASP B 160 -9.83 35.16 -19.73
CA ASP B 160 -9.62 36.55 -20.05
C ASP B 160 -9.90 37.36 -18.77
N PRO B 161 -8.87 37.97 -18.13
CA PRO B 161 -9.11 38.70 -16.89
C PRO B 161 -9.87 40.03 -17.02
N ARG B 162 -10.24 40.43 -18.26
CA ARG B 162 -10.94 41.69 -18.55
C ARG B 162 -12.34 41.81 -17.93
N PRO C 2 -5.28 -16.16 9.63
CA PRO C 2 -4.05 -16.27 8.83
C PRO C 2 -4.11 -17.45 7.89
N LEU C 3 -3.65 -17.28 6.63
CA LEU C 3 -3.65 -18.34 5.63
C LEU C 3 -2.67 -19.42 6.04
N GLY C 4 -3.10 -20.69 6.00
CA GLY C 4 -2.29 -21.84 6.35
C GLY C 4 -0.97 -21.98 5.62
N SER C 5 -0.07 -22.79 6.21
CA SER C 5 1.28 -23.08 5.68
C SER C 5 1.24 -24.41 4.89
N ASP C 6 2.11 -24.53 3.85
CA ASP C 6 2.19 -25.75 3.02
C ASP C 6 2.27 -27.05 3.84
N ALA C 7 2.91 -26.98 5.02
CA ALA C 7 3.12 -28.09 5.93
C ALA C 7 1.79 -28.58 6.57
N ASP C 8 0.79 -27.69 6.74
CA ASP C 8 -0.53 -28.07 7.27
C ASP C 8 -1.32 -28.63 6.07
N LYS C 9 -1.07 -28.01 4.86
CA LYS C 9 -1.65 -28.30 3.55
C LYS C 9 -1.11 -29.61 2.94
N ASN C 10 -0.23 -30.34 3.68
CA ASN C 10 0.39 -31.59 3.22
C ASN C 10 0.64 -32.62 4.32
N ASP C 11 0.71 -33.88 3.87
CA ASP C 11 0.91 -35.02 4.75
C ASP C 11 1.92 -35.94 4.03
N PRO C 12 3.25 -35.67 4.12
CA PRO C 12 4.23 -36.56 3.44
C PRO C 12 4.25 -37.93 4.06
N ALA C 13 4.56 -38.98 3.27
CA ALA C 13 4.55 -40.34 3.79
C ALA C 13 5.91 -41.01 3.83
N GLY C 14 6.16 -41.65 4.98
CA GLY C 14 7.38 -42.41 5.24
C GLY C 14 7.41 -43.67 4.44
N LYS C 15 8.61 -44.08 4.04
CA LYS C 15 8.88 -45.28 3.27
C LYS C 15 10.20 -45.84 3.72
N ASP C 16 10.23 -47.16 4.03
CA ASP C 16 11.45 -47.81 4.45
C ASP C 16 12.23 -48.21 3.20
N GLN C 17 13.55 -47.98 3.23
CA GLN C 17 14.38 -48.34 2.09
C GLN C 17 15.48 -49.29 2.51
N GLN C 18 15.80 -50.25 1.63
CA GLN C 18 16.80 -51.27 1.90
C GLN C 18 18.05 -51.04 1.08
N VAL C 19 19.18 -50.90 1.78
CA VAL C 19 20.49 -50.67 1.18
C VAL C 19 21.49 -51.71 1.62
N ASN C 20 22.57 -51.83 0.85
CA ASN C 20 23.68 -52.71 1.16
C ASN C 20 24.68 -51.92 1.99
N VAL C 21 25.57 -52.62 2.71
CA VAL C 21 26.61 -52.01 3.53
C VAL C 21 27.50 -51.14 2.61
N GLY C 22 27.74 -49.90 3.00
CA GLY C 22 28.55 -48.97 2.23
C GLY C 22 27.77 -48.10 1.27
N GLU C 23 26.57 -48.58 0.82
CA GLU C 23 25.67 -47.85 -0.09
C GLU C 23 25.00 -46.69 0.64
N THR C 24 25.04 -45.45 0.05
CA THR C 24 24.46 -44.21 0.61
C THR C 24 22.97 -44.07 0.25
N PRO C 25 22.06 -43.99 1.23
CA PRO C 25 20.63 -43.84 0.88
C PRO C 25 20.26 -42.41 0.51
N LYS C 26 19.28 -42.27 -0.39
CA LYS C 26 18.74 -40.99 -0.83
C LYS C 26 17.46 -40.73 -0.05
N ALA C 27 17.26 -39.48 0.41
CA ALA C 27 16.06 -39.09 1.18
C ALA C 27 14.79 -39.30 0.36
N GLU C 28 14.87 -39.04 -0.98
CA GLU C 28 13.79 -39.21 -1.95
C GLU C 28 13.23 -40.64 -1.93
N ASP C 29 14.11 -41.62 -1.69
CA ASP C 29 13.75 -43.03 -1.62
C ASP C 29 13.07 -43.39 -0.29
N SER C 30 13.09 -42.46 0.68
CA SER C 30 12.44 -42.64 1.99
C SER C 30 11.05 -41.97 2.05
N ILE C 31 10.61 -41.35 0.92
CA ILE C 31 9.29 -40.70 0.82
C ILE C 31 8.48 -41.41 -0.25
N GLY C 32 7.30 -41.87 0.15
CA GLY C 32 6.39 -42.61 -0.73
C GLY C 32 5.71 -41.75 -1.78
N ASN C 33 5.01 -40.67 -1.32
CA ASN C 33 4.20 -39.78 -2.16
C ASN C 33 4.80 -38.38 -2.40
N LEU C 34 6.07 -38.32 -2.85
CA LEU C 34 6.71 -37.03 -3.22
C LEU C 34 5.92 -36.26 -4.33
N PRO C 35 5.31 -36.93 -5.37
CA PRO C 35 4.55 -36.18 -6.39
C PRO C 35 3.29 -35.48 -5.88
N ASP C 36 2.67 -36.02 -4.80
CA ASP C 36 1.47 -35.44 -4.17
C ASP C 36 1.83 -34.10 -3.46
N LEU C 37 3.13 -33.92 -3.11
CA LEU C 37 3.67 -32.75 -2.44
C LEU C 37 3.87 -31.59 -3.43
N PRO C 38 3.88 -30.31 -2.97
CA PRO C 38 4.02 -29.19 -3.95
C PRO C 38 5.31 -29.25 -4.76
N LYS C 39 5.31 -28.67 -5.97
CA LYS C 39 6.51 -28.59 -6.80
C LYS C 39 7.49 -27.66 -6.07
N GLY C 40 8.75 -28.07 -6.01
CA GLY C 40 9.77 -27.28 -5.34
C GLY C 40 10.08 -27.75 -3.93
N THR C 41 9.26 -28.70 -3.39
CA THR C 41 9.43 -29.33 -2.09
C THR C 41 10.73 -30.13 -2.11
N THR C 42 11.60 -29.91 -1.12
CA THR C 42 12.89 -30.62 -1.03
C THR C 42 12.87 -31.56 0.14
N VAL C 43 13.56 -32.69 0.00
CA VAL C 43 13.68 -33.72 1.05
C VAL C 43 15.14 -33.97 1.37
N ALA C 44 15.44 -34.10 2.68
CA ALA C 44 16.79 -34.32 3.18
C ALA C 44 16.79 -35.12 4.47
N PHE C 45 17.86 -35.87 4.74
CA PHE C 45 17.97 -36.57 6.02
C PHE C 45 18.40 -35.53 7.04
N GLU C 46 17.71 -35.48 8.20
CA GLU C 46 18.01 -34.54 9.28
C GLU C 46 19.51 -34.57 9.56
N THR C 47 20.03 -35.81 9.68
CA THR C 47 21.41 -36.20 9.92
C THR C 47 21.71 -37.39 8.97
N PRO C 48 22.92 -37.42 8.35
CA PRO C 48 23.26 -38.53 7.42
C PRO C 48 23.15 -39.93 8.00
N VAL C 49 22.64 -40.87 7.19
CA VAL C 49 22.44 -42.27 7.56
C VAL C 49 23.79 -43.04 7.49
N ASP C 50 24.14 -43.80 8.56
CA ASP C 50 25.35 -44.64 8.71
C ASP C 50 25.10 -46.01 8.08
N THR C 51 25.92 -46.39 7.09
CA THR C 51 25.76 -47.67 6.40
C THR C 51 27.01 -48.56 6.51
N ALA C 52 27.92 -48.24 7.45
CA ALA C 52 29.17 -48.97 7.69
C ALA C 52 28.97 -50.38 8.28
N THR C 53 27.80 -50.62 8.92
CA THR C 53 27.44 -51.89 9.56
C THR C 53 26.02 -52.32 9.21
N PRO C 54 25.68 -53.63 9.16
CA PRO C 54 24.28 -54.01 8.87
C PRO C 54 23.35 -53.76 10.06
N GLY C 55 22.04 -53.71 9.80
CA GLY C 55 21.00 -53.46 10.79
C GLY C 55 20.08 -52.30 10.47
N ASP C 56 18.86 -52.32 11.05
CA ASP C 56 17.83 -51.31 10.88
C ASP C 56 18.28 -49.98 11.50
N LYS C 57 18.44 -48.93 10.66
CA LYS C 57 18.91 -47.61 11.07
C LYS C 57 17.76 -46.59 11.18
N PRO C 58 17.59 -45.94 12.34
CA PRO C 58 16.51 -44.95 12.46
C PRO C 58 16.89 -43.62 11.84
N ALA C 59 16.01 -43.05 10.99
CA ALA C 59 16.28 -41.80 10.28
C ALA C 59 15.09 -40.84 10.26
N LYS C 60 15.39 -39.55 10.12
CA LYS C 60 14.39 -38.49 10.04
C LYS C 60 14.56 -37.74 8.73
N VAL C 61 13.50 -37.70 7.92
CA VAL C 61 13.49 -36.97 6.66
C VAL C 61 12.78 -35.64 6.88
N VAL C 62 13.48 -34.54 6.52
CA VAL C 62 12.99 -33.16 6.57
C VAL C 62 12.39 -32.82 5.22
N VAL C 63 11.09 -32.49 5.21
CA VAL C 63 10.32 -32.14 4.03
C VAL C 63 10.19 -30.60 4.02
N THR C 64 11.08 -29.89 3.33
CA THR C 64 11.00 -28.43 3.29
C THR C 64 10.12 -28.01 2.12
N TYR C 65 8.98 -27.36 2.44
CA TYR C 65 8.03 -26.88 1.45
C TYR C 65 8.43 -25.52 0.85
N PRO C 66 7.94 -25.15 -0.37
CA PRO C 66 8.39 -23.86 -0.96
C PRO C 66 8.18 -22.60 -0.09
N ASP C 67 7.21 -22.63 0.85
CA ASP C 67 7.02 -21.46 1.72
C ASP C 67 7.94 -21.45 2.97
N GLY C 68 8.81 -22.45 3.12
CA GLY C 68 9.72 -22.56 4.25
C GLY C 68 9.22 -23.48 5.35
N SER C 69 7.90 -23.76 5.39
CA SER C 69 7.33 -24.69 6.39
C SER C 69 7.89 -26.11 6.19
N LYS C 70 8.10 -26.85 7.29
CA LYS C 70 8.73 -28.18 7.23
C LYS C 70 7.93 -29.24 7.93
N ASP C 71 8.07 -30.48 7.44
CA ASP C 71 7.50 -31.67 8.08
C ASP C 71 8.62 -32.68 8.31
N THR C 72 8.68 -33.26 9.53
CA THR C 72 9.67 -34.29 9.89
C THR C 72 8.98 -35.64 9.79
N VAL C 73 9.62 -36.59 9.09
CA VAL C 73 9.12 -37.94 8.86
C VAL C 73 10.10 -38.97 9.41
N ASP C 74 9.62 -39.83 10.34
CA ASP C 74 10.44 -40.89 10.92
C ASP C 74 10.39 -42.13 10.02
N VAL C 75 11.59 -42.57 9.60
CA VAL C 75 11.79 -43.72 8.71
C VAL C 75 12.87 -44.67 9.24
N THR C 76 12.97 -45.83 8.62
CA THR C 76 13.98 -46.82 8.93
C THR C 76 14.68 -47.08 7.64
N VAL C 77 16.00 -47.26 7.73
CA VAL C 77 16.84 -47.60 6.62
C VAL C 77 17.42 -48.96 6.94
N LYS C 78 16.97 -50.00 6.22
CA LYS C 78 17.44 -51.37 6.44
C LYS C 78 18.76 -51.57 5.72
N VAL C 79 19.86 -51.70 6.48
CA VAL C 79 21.20 -51.93 5.94
C VAL C 79 21.50 -53.43 6.02
N VAL C 80 21.77 -54.05 4.86
CA VAL C 80 22.02 -55.48 4.77
C VAL C 80 23.39 -55.78 4.21
N ASP C 81 23.92 -56.94 4.58
CA ASP C 81 25.18 -57.49 4.10
C ASP C 81 24.86 -58.30 2.80
N PRO C 82 25.37 -57.87 1.63
CA PRO C 82 25.05 -58.58 0.39
C PRO C 82 25.74 -59.95 0.31
N ARG C 83 26.94 -60.06 0.92
CA ARG C 83 27.78 -61.25 0.96
C ARG C 83 27.03 -62.46 1.45
N THR C 84 27.25 -63.61 0.78
CA THR C 84 26.67 -64.92 1.11
C THR C 84 27.46 -65.53 2.26
N ASP C 85 26.95 -66.61 2.89
CA ASP C 85 27.67 -67.29 3.96
C ASP C 85 29.00 -67.90 3.48
N ALA C 86 29.05 -68.32 2.19
CA ALA C 86 30.24 -68.85 1.56
C ALA C 86 31.31 -67.78 1.39
N ASP C 87 30.90 -66.51 1.28
CA ASP C 87 31.80 -65.37 1.18
C ASP C 87 32.22 -64.95 2.59
N LYS C 88 31.32 -65.15 3.58
CA LYS C 88 31.52 -64.78 4.98
C LYS C 88 32.28 -65.83 5.81
N ASN C 89 32.54 -67.03 5.23
CA ASN C 89 33.23 -68.10 5.94
C ASN C 89 34.29 -68.82 5.10
N ASP C 90 35.34 -69.32 5.81
CA ASP C 90 36.45 -70.07 5.23
C ASP C 90 36.62 -71.40 5.97
N PRO C 91 36.08 -72.52 5.44
CA PRO C 91 36.25 -73.81 6.15
C PRO C 91 37.69 -74.29 6.10
N ALA C 92 38.24 -74.70 7.26
CA ALA C 92 39.61 -75.19 7.36
C ALA C 92 39.63 -76.68 7.10
N GLY C 93 40.02 -77.03 5.86
CA GLY C 93 40.13 -78.40 5.41
C GLY C 93 41.30 -79.09 6.06
N LYS C 94 41.04 -80.26 6.63
CA LYS C 94 42.03 -81.07 7.30
C LYS C 94 42.01 -82.46 6.70
N ASP C 95 43.20 -83.05 6.50
CA ASP C 95 43.31 -84.41 6.00
C ASP C 95 43.01 -85.34 7.16
N GLN C 96 42.17 -86.36 6.93
CA GLN C 96 41.80 -87.31 8.00
C GLN C 96 42.36 -88.71 7.76
N GLN C 97 42.63 -89.45 8.84
CA GLN C 97 43.14 -90.80 8.71
C GLN C 97 42.20 -91.84 9.32
N VAL C 98 41.93 -92.89 8.53
CA VAL C 98 41.04 -94.00 8.89
C VAL C 98 41.72 -95.35 8.67
N ASN C 99 41.07 -96.41 9.15
CA ASN C 99 41.54 -97.78 8.95
C ASN C 99 40.72 -98.38 7.81
N VAL C 100 41.15 -99.52 7.26
CA VAL C 100 40.45 -100.21 6.17
C VAL C 100 39.06 -100.65 6.67
N GLY C 101 38.01 -100.30 5.93
CA GLY C 101 36.63 -100.64 6.25
C GLY C 101 35.85 -99.58 7.01
N GLU C 102 36.57 -98.61 7.60
CA GLU C 102 35.99 -97.51 8.37
C GLU C 102 35.29 -96.53 7.43
N THR C 103 34.11 -96.02 7.84
CA THR C 103 33.37 -95.04 7.05
C THR C 103 33.81 -93.66 7.55
N PRO C 104 34.46 -92.82 6.70
CA PRO C 104 34.92 -91.51 7.18
C PRO C 104 33.83 -90.46 7.27
N LYS C 105 33.86 -89.67 8.36
CA LYS C 105 32.93 -88.55 8.56
C LYS C 105 33.55 -87.32 7.93
N ALA C 106 32.75 -86.56 7.13
CA ALA C 106 33.20 -85.31 6.48
C ALA C 106 33.57 -84.26 7.51
N GLU C 107 32.85 -84.25 8.65
CA GLU C 107 33.04 -83.36 9.80
C GLU C 107 34.48 -83.39 10.30
N ASP C 108 35.13 -84.57 10.27
CA ASP C 108 36.51 -84.76 10.69
C ASP C 108 37.52 -84.14 9.71
N SER C 109 37.07 -83.83 8.49
CA SER C 109 37.91 -83.21 7.47
C SER C 109 37.75 -81.67 7.47
N ILE C 110 36.98 -81.13 8.44
CA ILE C 110 36.73 -79.69 8.64
C ILE C 110 37.12 -79.35 10.08
N GLY C 111 38.22 -78.62 10.24
CA GLY C 111 38.78 -78.23 11.52
C GLY C 111 38.00 -77.23 12.36
N ASN C 112 37.42 -76.17 11.72
CA ASN C 112 36.68 -75.11 12.43
C ASN C 112 35.16 -75.07 12.13
N LEU C 113 34.46 -76.20 12.41
CA LEU C 113 33.00 -76.32 12.29
C LEU C 113 32.26 -75.28 13.17
N PRO C 114 32.64 -75.03 14.47
CA PRO C 114 31.94 -73.99 15.25
C PRO C 114 32.08 -72.56 14.72
N ASP C 115 33.16 -72.26 13.97
CA ASP C 115 33.40 -70.95 13.34
C ASP C 115 32.43 -70.73 12.16
N LEU C 116 31.84 -71.82 11.64
CA LEU C 116 30.87 -71.80 10.56
C LEU C 116 29.45 -71.56 11.14
N PRO C 117 28.47 -71.00 10.36
CA PRO C 117 27.13 -70.75 10.93
C PRO C 117 26.38 -71.97 11.44
N LYS C 118 25.45 -71.75 12.40
CA LYS C 118 24.63 -72.83 12.97
C LYS C 118 23.64 -73.27 11.89
N GLY C 119 23.70 -74.55 11.54
CA GLY C 119 22.86 -75.12 10.49
C GLY C 119 23.62 -75.57 9.27
N THR C 120 24.93 -75.21 9.20
CA THR C 120 25.85 -75.58 8.12
C THR C 120 26.06 -77.10 8.16
N THR C 121 26.03 -77.75 6.98
CA THR C 121 26.23 -79.20 6.85
C THR C 121 27.41 -79.52 5.96
N VAL C 122 28.18 -80.55 6.34
CA VAL C 122 29.33 -81.01 5.58
C VAL C 122 29.09 -82.45 5.14
N ALA C 123 29.47 -82.75 3.90
CA ALA C 123 29.31 -84.08 3.30
C ALA C 123 30.33 -84.28 2.20
N PHE C 124 30.75 -85.53 1.96
CA PHE C 124 31.67 -85.83 0.87
C PHE C 124 30.87 -85.81 -0.42
N GLU C 125 31.44 -85.20 -1.49
CA GLU C 125 30.78 -85.10 -2.80
C GLU C 125 30.45 -86.51 -3.30
N THR C 126 31.43 -87.41 -3.21
CA THR C 126 31.31 -88.79 -3.61
C THR C 126 31.80 -89.64 -2.42
N PRO C 127 31.08 -90.74 -2.06
CA PRO C 127 31.53 -91.57 -0.92
C PRO C 127 32.95 -92.10 -1.09
N VAL C 128 33.72 -92.09 0.01
CA VAL C 128 35.12 -92.53 0.05
C VAL C 128 35.21 -94.05 0.16
N ASP C 129 36.06 -94.65 -0.72
CA ASP C 129 36.33 -96.09 -0.74
C ASP C 129 37.41 -96.37 0.31
N THR C 130 37.09 -97.24 1.28
CA THR C 130 38.02 -97.57 2.34
C THR C 130 38.35 -99.07 2.42
N ALA C 131 37.87 -99.86 1.43
CA ALA C 131 38.09 -101.30 1.34
C ALA C 131 39.58 -101.66 1.11
N THR C 132 40.37 -100.67 0.65
CA THR C 132 41.81 -100.80 0.34
C THR C 132 42.62 -99.63 0.96
N PRO C 133 43.94 -99.77 1.23
CA PRO C 133 44.69 -98.65 1.81
C PRO C 133 45.09 -97.58 0.78
N GLY C 134 45.97 -96.66 1.18
CA GLY C 134 46.46 -95.58 0.33
C GLY C 134 45.78 -94.24 0.54
N ASP C 135 46.31 -93.20 -0.12
CA ASP C 135 45.79 -91.82 -0.05
C ASP C 135 44.64 -91.60 -1.03
N LYS C 136 43.42 -91.48 -0.47
CA LYS C 136 42.20 -91.32 -1.24
C LYS C 136 41.82 -89.84 -1.33
N PRO C 137 41.73 -89.29 -2.56
CA PRO C 137 41.34 -87.88 -2.69
C PRO C 137 39.83 -87.73 -2.49
N ALA C 138 39.41 -86.67 -1.78
CA ALA C 138 38.00 -86.41 -1.52
C ALA C 138 37.69 -84.93 -1.54
N LYS C 139 36.40 -84.61 -1.73
CA LYS C 139 35.89 -83.26 -1.74
C LYS C 139 34.80 -83.15 -0.70
N VAL C 140 34.95 -82.21 0.25
CA VAL C 140 33.97 -81.94 1.29
C VAL C 140 33.14 -80.73 0.83
N VAL C 141 31.83 -80.95 0.66
CA VAL C 141 30.89 -79.93 0.26
C VAL C 141 30.31 -79.33 1.53
N VAL C 142 30.56 -78.02 1.73
CA VAL C 142 30.11 -77.26 2.89
C VAL C 142 28.85 -76.50 2.45
N THR C 143 27.67 -76.95 2.90
CA THR C 143 26.38 -76.32 2.57
C THR C 143 25.97 -75.42 3.73
N TYR C 144 25.98 -74.12 3.47
CA TYR C 144 25.66 -73.09 4.44
C TYR C 144 24.15 -72.92 4.68
N PRO C 145 23.70 -72.29 5.81
CA PRO C 145 22.26 -72.14 6.04
C PRO C 145 21.55 -71.33 4.96
N ASP C 146 22.21 -70.29 4.39
CA ASP C 146 21.67 -69.43 3.32
C ASP C 146 21.58 -70.12 1.93
N GLY C 147 21.99 -71.38 1.85
CA GLY C 147 21.96 -72.14 0.61
C GLY C 147 23.27 -72.17 -0.15
N SER C 148 24.16 -71.18 0.10
CA SER C 148 25.47 -71.09 -0.55
C SER C 148 26.40 -72.26 -0.18
N LYS C 149 27.37 -72.57 -1.04
CA LYS C 149 28.29 -73.69 -0.83
C LYS C 149 29.77 -73.40 -1.04
N ASP C 150 30.61 -74.09 -0.25
CA ASP C 150 32.07 -74.05 -0.29
C ASP C 150 32.59 -75.48 -0.46
N THR C 151 33.60 -75.66 -1.32
CA THR C 151 34.15 -77.00 -1.56
C THR C 151 35.61 -77.05 -1.17
N VAL C 152 35.96 -78.05 -0.34
CA VAL C 152 37.31 -78.25 0.16
C VAL C 152 37.88 -79.59 -0.33
N ASP C 153 39.05 -79.54 -1.00
CA ASP C 153 39.74 -80.74 -1.48
C ASP C 153 40.60 -81.25 -0.34
N VAL C 154 40.35 -82.50 0.09
CA VAL C 154 41.07 -83.16 1.19
C VAL C 154 41.56 -84.55 0.78
N THR C 155 42.40 -85.17 1.62
CA THR C 155 42.93 -86.52 1.45
C THR C 155 42.49 -87.35 2.66
N VAL C 156 41.84 -88.48 2.37
CA VAL C 156 41.37 -89.44 3.36
C VAL C 156 42.39 -90.57 3.29
N LYS C 157 43.37 -90.54 4.21
CA LYS C 157 44.44 -91.53 4.26
C LYS C 157 43.91 -92.83 4.88
N VAL C 158 44.14 -93.97 4.22
CA VAL C 158 43.69 -95.29 4.69
C VAL C 158 44.89 -96.18 5.05
N VAL C 159 44.90 -96.75 6.29
CA VAL C 159 45.99 -97.60 6.81
C VAL C 159 45.52 -99.02 7.14
N ASP C 160 46.49 -99.96 7.22
CA ASP C 160 46.25 -101.36 7.54
C ASP C 160 46.96 -101.80 8.84
N PRO C 161 46.37 -101.51 10.03
CA PRO C 161 47.03 -101.91 11.28
C PRO C 161 46.70 -103.34 11.70
N ARG C 162 47.68 -104.25 11.54
CA ARG C 162 47.54 -105.66 11.87
C ARG C 162 47.83 -105.89 13.35
N PRO D 2 -55.65 48.24 -4.30
CA PRO D 2 -54.57 47.83 -3.39
C PRO D 2 -53.21 47.87 -4.05
N LEU D 3 -52.31 48.70 -3.51
CA LEU D 3 -50.95 48.85 -4.02
C LEU D 3 -50.18 47.62 -3.60
N GLY D 4 -49.40 47.04 -4.51
CA GLY D 4 -48.59 45.85 -4.27
C GLY D 4 -47.60 45.98 -3.13
N SER D 5 -47.22 44.83 -2.55
CA SER D 5 -46.28 44.77 -1.43
C SER D 5 -44.83 44.72 -1.92
N ASP D 6 -43.88 44.95 -1.01
CA ASP D 6 -42.44 44.86 -1.29
C ASP D 6 -42.03 43.48 -1.81
N ALA D 7 -42.74 42.41 -1.35
CA ALA D 7 -42.50 41.03 -1.75
C ALA D 7 -42.88 40.78 -3.20
N ASP D 8 -43.87 41.51 -3.71
CA ASP D 8 -44.32 41.41 -5.09
C ASP D 8 -43.32 42.13 -6.02
N LYS D 9 -42.62 43.17 -5.49
CA LYS D 9 -41.66 44.03 -6.19
C LYS D 9 -40.22 43.51 -6.20
N ASN D 10 -39.86 42.65 -5.22
CA ASN D 10 -38.50 42.09 -5.12
C ASN D 10 -38.50 40.58 -5.14
N ASP D 11 -37.36 39.99 -5.60
CA ASP D 11 -37.13 38.55 -5.60
C ASP D 11 -35.74 38.28 -5.00
N PRO D 12 -35.67 37.71 -3.78
CA PRO D 12 -34.35 37.42 -3.19
C PRO D 12 -33.72 36.19 -3.83
N ALA D 13 -32.36 36.17 -3.87
CA ALA D 13 -31.58 35.11 -4.48
C ALA D 13 -30.88 34.21 -3.48
N GLY D 14 -31.08 32.92 -3.65
CA GLY D 14 -30.46 31.88 -2.84
C GLY D 14 -28.98 31.75 -3.13
N LYS D 15 -28.22 31.41 -2.09
CA LYS D 15 -26.77 31.26 -2.14
C LYS D 15 -26.39 30.15 -1.16
N ASP D 16 -25.55 29.21 -1.63
CA ASP D 16 -25.07 28.12 -0.79
C ASP D 16 -23.86 28.56 0.01
N GLN D 17 -23.76 28.11 1.23
CA GLN D 17 -22.63 28.44 2.11
C GLN D 17 -22.07 27.19 2.75
N GLN D 18 -20.81 27.23 3.17
CA GLN D 18 -20.15 26.10 3.82
C GLN D 18 -19.69 26.45 5.24
N VAL D 19 -20.07 25.62 6.20
CA VAL D 19 -19.62 25.77 7.59
C VAL D 19 -18.98 24.48 8.08
N ASN D 20 -18.22 24.60 9.17
CA ASN D 20 -17.58 23.49 9.81
C ASN D 20 -18.58 22.91 10.80
N VAL D 21 -18.39 21.65 11.22
CA VAL D 21 -19.30 21.03 12.18
C VAL D 21 -19.31 21.82 13.50
N GLY D 22 -20.51 22.13 13.99
CA GLY D 22 -20.69 22.89 15.22
C GLY D 22 -20.84 24.38 15.02
N GLU D 23 -20.41 24.90 13.86
CA GLU D 23 -20.53 26.32 13.53
C GLU D 23 -21.99 26.64 13.21
N THR D 24 -22.46 27.84 13.58
CA THR D 24 -23.82 28.24 13.25
C THR D 24 -23.79 29.16 12.00
N PRO D 25 -24.47 28.78 10.88
CA PRO D 25 -24.48 29.63 9.70
C PRO D 25 -25.40 30.85 9.85
N LYS D 26 -25.03 31.96 9.18
CA LYS D 26 -25.79 33.22 9.18
C LYS D 26 -26.66 33.25 7.96
N ALA D 27 -27.90 33.70 8.10
CA ALA D 27 -28.86 33.82 7.01
C ALA D 27 -28.37 34.74 5.92
N GLU D 28 -27.69 35.84 6.32
CA GLU D 28 -27.10 36.85 5.42
C GLU D 28 -26.16 36.21 4.41
N ASP D 29 -25.42 35.18 4.85
CA ASP D 29 -24.47 34.43 4.04
C ASP D 29 -25.19 33.50 3.04
N SER D 30 -26.50 33.28 3.21
CA SER D 30 -27.30 32.43 2.31
C SER D 30 -28.09 33.27 1.25
N ILE D 31 -27.90 34.61 1.24
CA ILE D 31 -28.58 35.51 0.30
C ILE D 31 -27.55 36.30 -0.52
N GLY D 32 -27.61 36.14 -1.84
CA GLY D 32 -26.73 36.80 -2.77
C GLY D 32 -27.00 38.28 -2.94
N ASN D 33 -28.17 38.62 -3.50
CA ASN D 33 -28.59 39.97 -3.85
C ASN D 33 -29.28 40.77 -2.72
N LEU D 34 -28.70 40.78 -1.50
CA LEU D 34 -29.25 41.56 -0.40
C LEU D 34 -29.29 43.09 -0.72
N PRO D 35 -28.27 43.71 -1.40
CA PRO D 35 -28.38 45.15 -1.71
C PRO D 35 -29.44 45.53 -2.74
N ASP D 36 -29.83 44.58 -3.62
CA ASP D 36 -30.89 44.79 -4.63
C ASP D 36 -32.25 44.93 -3.95
N LEU D 37 -32.42 44.25 -2.81
CA LEU D 37 -33.62 44.26 -1.98
C LEU D 37 -33.71 45.62 -1.25
N PRO D 38 -34.90 46.04 -0.75
CA PRO D 38 -35.01 47.36 -0.10
C PRO D 38 -34.17 47.50 1.15
N LYS D 39 -33.78 48.75 1.48
CA LYS D 39 -33.02 49.05 2.71
C LYS D 39 -33.94 48.75 3.89
N GLY D 40 -33.43 48.06 4.90
CA GLY D 40 -34.23 47.70 6.06
C GLY D 40 -34.76 46.28 6.05
N THR D 41 -34.58 45.57 4.89
CA THR D 41 -34.97 44.17 4.68
C THR D 41 -34.13 43.30 5.61
N THR D 42 -34.80 42.43 6.36
CA THR D 42 -34.10 41.51 7.27
C THR D 42 -34.21 40.07 6.77
N VAL D 43 -33.17 39.28 7.05
CA VAL D 43 -33.10 37.86 6.65
C VAL D 43 -32.89 37.00 7.91
N ALA D 44 -33.54 35.82 7.93
CA ALA D 44 -33.45 34.86 9.04
C ALA D 44 -33.70 33.44 8.54
N PHE D 45 -33.09 32.40 9.20
CA PHE D 45 -33.42 31.01 8.83
C PHE D 45 -34.75 30.69 9.49
N GLU D 46 -35.66 30.03 8.76
CA GLU D 46 -36.97 29.64 9.30
C GLU D 46 -36.74 28.64 10.41
N THR D 47 -35.84 27.69 10.15
CA THR D 47 -35.43 26.62 11.04
C THR D 47 -33.90 26.72 11.25
N PRO D 48 -33.42 27.04 12.49
CA PRO D 48 -31.96 27.03 12.74
C PRO D 48 -31.31 25.73 12.26
N VAL D 49 -30.29 25.85 11.41
CA VAL D 49 -29.58 24.77 10.73
C VAL D 49 -28.82 23.83 11.68
N ASP D 50 -28.90 22.52 11.41
CA ASP D 50 -28.23 21.45 12.15
C ASP D 50 -26.78 21.28 11.64
N THR D 51 -25.82 21.47 12.54
CA THR D 51 -24.40 21.35 12.17
C THR D 51 -23.70 20.24 12.96
N ALA D 52 -24.46 19.57 13.86
CA ALA D 52 -23.99 18.51 14.76
C ALA D 52 -23.30 17.35 14.04
N THR D 53 -23.66 17.13 12.77
CA THR D 53 -23.15 16.10 11.85
C THR D 53 -22.90 16.76 10.48
N PRO D 54 -21.93 16.29 9.65
CA PRO D 54 -21.72 16.96 8.34
C PRO D 54 -22.78 16.63 7.29
N GLY D 55 -22.60 17.16 6.07
CA GLY D 55 -23.48 16.95 4.94
C GLY D 55 -24.20 18.18 4.41
N ASP D 56 -24.92 18.02 3.27
CA ASP D 56 -25.70 19.07 2.65
C ASP D 56 -27.06 19.17 3.35
N LYS D 57 -27.31 20.30 4.02
CA LYS D 57 -28.53 20.49 4.79
C LYS D 57 -29.50 21.46 4.13
N PRO D 58 -30.78 21.04 3.96
CA PRO D 58 -31.76 21.95 3.33
C PRO D 58 -32.26 23.01 4.32
N ALA D 59 -32.26 24.28 3.89
CA ALA D 59 -32.68 25.41 4.74
C ALA D 59 -33.58 26.41 4.02
N LYS D 60 -34.40 27.13 4.79
CA LYS D 60 -35.29 28.16 4.27
C LYS D 60 -34.96 29.51 4.92
N VAL D 61 -34.65 30.51 4.09
CA VAL D 61 -34.36 31.86 4.55
C VAL D 61 -35.62 32.70 4.34
N VAL D 62 -36.16 33.25 5.44
CA VAL D 62 -37.32 34.13 5.42
C VAL D 62 -36.79 35.57 5.30
N VAL D 63 -37.23 36.26 4.25
CA VAL D 63 -36.87 37.62 3.90
C VAL D 63 -38.03 38.50 4.27
N THR D 64 -37.89 39.30 5.35
CA THR D 64 -38.93 40.22 5.82
C THR D 64 -38.60 41.61 5.30
N TYR D 65 -39.50 42.16 4.47
CA TYR D 65 -39.37 43.48 3.87
C TYR D 65 -39.85 44.60 4.82
N PRO D 66 -39.42 45.87 4.62
CA PRO D 66 -39.86 46.95 5.54
C PRO D 66 -41.38 47.13 5.72
N ASP D 67 -42.20 46.71 4.73
CA ASP D 67 -43.66 46.82 4.86
C ASP D 67 -44.30 45.62 5.57
N GLY D 68 -43.48 44.66 6.00
CA GLY D 68 -43.97 43.47 6.68
C GLY D 68 -44.16 42.26 5.80
N SER D 69 -44.24 42.45 4.46
CA SER D 69 -44.37 41.34 3.50
C SER D 69 -43.13 40.48 3.52
N LYS D 70 -43.30 39.16 3.30
CA LYS D 70 -42.20 38.20 3.38
C LYS D 70 -42.05 37.30 2.16
N ASP D 71 -40.81 36.90 1.90
CA ASP D 71 -40.42 35.97 0.84
C ASP D 71 -39.63 34.84 1.46
N THR D 72 -39.83 33.60 0.98
CA THR D 72 -39.11 32.41 1.45
C THR D 72 -38.15 31.97 0.36
N VAL D 73 -36.89 31.68 0.74
CA VAL D 73 -35.82 31.25 -0.17
C VAL D 73 -35.26 29.90 0.27
N ASP D 74 -35.31 28.89 -0.63
CA ASP D 74 -34.76 27.57 -0.36
C ASP D 74 -33.28 27.55 -0.68
N VAL D 75 -32.44 27.19 0.31
CA VAL D 75 -30.97 27.12 0.19
C VAL D 75 -30.41 25.79 0.72
N THR D 76 -29.12 25.55 0.46
CA THR D 76 -28.35 24.39 0.93
C THR D 76 -27.17 24.89 1.77
N VAL D 77 -27.05 24.41 3.00
CA VAL D 77 -25.94 24.78 3.88
C VAL D 77 -25.07 23.53 3.98
N LYS D 78 -23.85 23.57 3.40
CA LYS D 78 -22.88 22.47 3.42
C LYS D 78 -22.15 22.42 4.77
N VAL D 79 -22.39 21.37 5.55
CA VAL D 79 -21.68 21.18 6.83
C VAL D 79 -20.50 20.22 6.60
N VAL D 80 -19.31 20.59 7.10
CA VAL D 80 -18.10 19.78 6.89
C VAL D 80 -17.33 19.53 8.20
N ASP D 81 -16.92 18.28 8.45
CA ASP D 81 -16.07 18.02 9.62
C ASP D 81 -14.65 18.21 9.09
N PRO D 82 -13.90 19.24 9.53
CA PRO D 82 -12.53 19.41 8.99
C PRO D 82 -11.56 18.31 9.43
N ARG D 83 -11.77 17.77 10.66
CA ARG D 83 -10.98 16.70 11.28
C ARG D 83 -10.97 15.45 10.41
N THR D 84 -9.78 14.90 10.15
CA THR D 84 -9.71 13.67 9.37
C THR D 84 -10.17 12.52 10.27
N ASP D 85 -10.54 11.35 9.71
CA ASP D 85 -10.90 10.19 10.52
C ASP D 85 -9.67 9.73 11.34
N ALA D 86 -8.44 10.02 10.81
CA ALA D 86 -7.15 9.74 11.43
C ALA D 86 -6.92 10.64 12.65
N ASP D 87 -7.53 11.85 12.68
CA ASP D 87 -7.51 12.76 13.84
C ASP D 87 -8.56 12.25 14.83
N LYS D 88 -9.65 11.66 14.29
CA LYS D 88 -10.79 11.14 15.06
C LYS D 88 -10.58 9.72 15.66
N ASN D 89 -9.54 8.97 15.20
CA ASN D 89 -9.24 7.64 15.72
C ASN D 89 -7.75 7.39 15.98
N ASP D 90 -7.50 6.31 16.73
CA ASP D 90 -6.17 5.84 17.08
C ASP D 90 -6.17 4.33 16.99
N PRO D 91 -5.69 3.77 15.86
CA PRO D 91 -5.65 2.31 15.76
C PRO D 91 -4.59 1.71 16.67
N ALA D 92 -4.94 0.57 17.28
CA ALA D 92 -4.12 -0.18 18.24
C ALA D 92 -3.42 -1.33 17.61
N GLY D 93 -2.10 -1.32 17.71
CA GLY D 93 -1.28 -2.42 17.23
C GLY D 93 -1.56 -3.70 17.98
N LYS D 94 -1.47 -4.81 17.29
CA LYS D 94 -1.64 -6.10 17.89
C LYS D 94 -0.56 -7.01 17.34
N ASP D 95 0.29 -7.52 18.24
CA ASP D 95 1.35 -8.44 17.80
C ASP D 95 0.69 -9.80 17.65
N GLN D 96 0.89 -10.43 16.50
CA GLN D 96 0.26 -11.71 16.22
C GLN D 96 1.28 -12.80 16.03
N GLN D 97 0.87 -14.02 16.38
CA GLN D 97 1.75 -15.17 16.25
C GLN D 97 1.23 -16.12 15.20
N VAL D 98 2.12 -16.50 14.29
CA VAL D 98 1.86 -17.41 13.18
C VAL D 98 2.96 -18.48 13.12
N ASN D 99 2.67 -19.61 12.43
CA ASN D 99 3.64 -20.68 12.23
C ASN D 99 4.43 -20.36 10.97
N VAL D 100 5.55 -21.08 10.74
CA VAL D 100 6.39 -20.90 9.57
C VAL D 100 5.58 -21.25 8.30
N GLY D 101 5.54 -20.33 7.33
CA GLY D 101 4.85 -20.53 6.05
C GLY D 101 3.45 -19.95 6.00
N GLU D 102 2.88 -19.60 7.18
CA GLU D 102 1.55 -19.02 7.33
C GLU D 102 1.56 -17.58 6.83
N THR D 103 0.48 -17.17 6.16
CA THR D 103 0.37 -15.80 5.67
C THR D 103 -0.36 -14.96 6.72
N PRO D 104 0.28 -13.94 7.36
CA PRO D 104 -0.45 -13.15 8.36
C PRO D 104 -1.36 -12.08 7.74
N LYS D 105 -2.59 -11.97 8.29
CA LYS D 105 -3.59 -10.99 7.85
C LYS D 105 -3.37 -9.71 8.65
N ALA D 106 -3.41 -8.53 7.99
CA ALA D 106 -3.25 -7.23 8.64
C ALA D 106 -4.35 -6.90 9.64
N GLU D 107 -5.53 -7.53 9.49
CA GLU D 107 -6.69 -7.35 10.36
C GLU D 107 -6.42 -7.89 11.75
N ASP D 108 -5.66 -9.00 11.82
CA ASP D 108 -5.27 -9.68 13.05
C ASP D 108 -4.16 -8.92 13.77
N SER D 109 -3.50 -8.01 13.03
CA SER D 109 -2.43 -7.14 13.53
C SER D 109 -2.94 -5.83 14.12
N ILE D 110 -4.26 -5.58 14.02
CA ILE D 110 -4.91 -4.39 14.56
C ILE D 110 -5.99 -4.82 15.55
N GLY D 111 -5.78 -4.41 16.80
CA GLY D 111 -6.63 -4.77 17.92
C GLY D 111 -8.04 -4.25 17.92
N ASN D 112 -8.23 -2.97 17.54
CA ASN D 112 -9.53 -2.29 17.60
C ASN D 112 -10.15 -1.93 16.23
N LEU D 113 -10.34 -2.94 15.36
CA LEU D 113 -10.97 -2.72 14.04
C LEU D 113 -12.42 -2.17 14.17
N PRO D 114 -13.32 -2.72 15.03
CA PRO D 114 -14.68 -2.15 15.14
C PRO D 114 -14.74 -0.74 15.71
N ASP D 115 -13.71 -0.33 16.50
CA ASP D 115 -13.59 1.01 17.10
C ASP D 115 -13.28 2.04 16.01
N LEU D 116 -12.74 1.56 14.86
CA LEU D 116 -12.42 2.39 13.70
C LEU D 116 -13.69 2.55 12.81
N PRO D 117 -13.79 3.58 11.93
CA PRO D 117 -15.00 3.72 11.10
C PRO D 117 -15.32 2.54 10.17
N LYS D 118 -16.61 2.36 9.84
CA LYS D 118 -17.03 1.30 8.91
C LYS D 118 -16.54 1.69 7.51
N GLY D 119 -15.76 0.80 6.91
CA GLY D 119 -15.17 1.03 5.59
C GLY D 119 -13.67 1.21 5.60
N THR D 120 -13.09 1.30 6.82
CA THR D 120 -11.65 1.43 7.06
C THR D 120 -11.00 0.11 6.64
N THR D 121 -9.84 0.19 5.95
CA THR D 121 -9.10 -0.99 5.49
C THR D 121 -7.69 -1.01 6.07
N VAL D 122 -7.19 -2.21 6.35
CA VAL D 122 -5.88 -2.46 6.91
C VAL D 122 -5.05 -3.36 6.02
N ALA D 123 -3.80 -2.93 5.75
CA ALA D 123 -2.87 -3.72 4.94
C ALA D 123 -1.44 -3.54 5.45
N PHE D 124 -0.58 -4.55 5.27
CA PHE D 124 0.82 -4.41 5.65
C PHE D 124 1.49 -3.58 4.57
N GLU D 125 2.37 -2.62 4.95
CA GLU D 125 3.09 -1.76 4.01
C GLU D 125 3.90 -2.63 3.05
N THR D 126 4.60 -3.62 3.61
CA THR D 126 5.42 -4.58 2.89
C THR D 126 5.01 -5.98 3.37
N PRO D 127 4.82 -6.95 2.45
CA PRO D 127 4.46 -8.32 2.88
C PRO D 127 5.46 -8.94 3.85
N VAL D 128 4.93 -9.63 4.88
CA VAL D 128 5.68 -10.27 5.96
C VAL D 128 6.25 -11.62 5.52
N ASP D 129 7.56 -11.81 5.78
CA ASP D 129 8.31 -13.02 5.50
C ASP D 129 8.08 -14.01 6.65
N THR D 130 7.55 -15.19 6.34
CA THR D 130 7.26 -16.20 7.38
C THR D 130 7.99 -17.53 7.13
N ALA D 131 8.89 -17.56 6.13
CA ALA D 131 9.68 -18.72 5.73
C ALA D 131 10.63 -19.23 6.80
N THR D 132 10.96 -18.40 7.82
CA THR D 132 11.84 -18.73 8.94
C THR D 132 11.24 -18.25 10.25
N PRO D 133 11.50 -18.89 11.42
CA PRO D 133 10.93 -18.37 12.69
C PRO D 133 11.61 -17.08 13.16
N GLY D 134 10.96 -16.37 14.08
CA GLY D 134 11.45 -15.13 14.66
C GLY D 134 10.49 -13.97 14.63
N ASP D 135 10.85 -12.89 15.34
CA ASP D 135 10.05 -11.67 15.42
C ASP D 135 10.29 -10.79 14.19
N LYS D 136 9.25 -10.69 13.34
CA LYS D 136 9.30 -9.92 12.09
C LYS D 136 8.66 -8.54 12.26
N PRO D 137 9.44 -7.44 12.15
CA PRO D 137 8.83 -6.11 12.29
C PRO D 137 8.01 -5.74 11.05
N ALA D 138 6.80 -5.20 11.26
CA ALA D 138 5.88 -4.85 10.18
C ALA D 138 5.18 -3.53 10.44
N LYS D 139 4.63 -2.94 9.37
CA LYS D 139 3.88 -1.70 9.45
C LYS D 139 2.48 -1.91 8.88
N VAL D 140 1.47 -1.63 9.69
CA VAL D 140 0.11 -1.73 9.18
C VAL D 140 -0.31 -0.32 8.75
N VAL D 141 -0.81 -0.20 7.51
CA VAL D 141 -1.33 1.03 6.96
C VAL D 141 -2.83 0.97 7.12
N VAL D 142 -3.37 1.91 7.90
CA VAL D 142 -4.79 2.01 8.21
C VAL D 142 -5.37 3.09 7.30
N THR D 143 -6.14 2.68 6.27
CA THR D 143 -6.77 3.60 5.31
C THR D 143 -8.23 3.84 5.71
N TYR D 144 -8.54 5.07 6.12
CA TYR D 144 -9.88 5.42 6.57
C TYR D 144 -10.90 5.74 5.44
N PRO D 145 -12.24 5.74 5.74
CA PRO D 145 -13.22 6.06 4.68
C PRO D 145 -13.13 7.52 4.19
N ASP D 146 -12.42 8.41 4.90
CA ASP D 146 -12.27 9.79 4.45
C ASP D 146 -11.00 9.91 3.56
N GLY D 147 -10.30 8.79 3.37
CA GLY D 147 -9.08 8.74 2.58
C GLY D 147 -7.79 8.94 3.38
N SER D 148 -7.90 9.52 4.61
CA SER D 148 -6.73 9.74 5.47
C SER D 148 -6.12 8.42 6.01
N LYS D 149 -4.82 8.45 6.33
CA LYS D 149 -4.13 7.23 6.77
C LYS D 149 -3.33 7.35 8.06
N ASP D 150 -3.35 6.28 8.85
CA ASP D 150 -2.55 6.08 10.06
C ASP D 150 -1.60 4.90 9.77
N THR D 151 -0.44 4.90 10.42
CA THR D 151 0.54 3.81 10.28
C THR D 151 0.90 3.23 11.64
N VAL D 152 0.86 1.88 11.78
CA VAL D 152 1.14 1.22 13.05
C VAL D 152 2.34 0.26 12.96
N ASP D 153 3.33 0.46 13.85
CA ASP D 153 4.48 -0.43 13.89
C ASP D 153 4.11 -1.62 14.76
N VAL D 154 4.10 -2.82 14.16
CA VAL D 154 3.73 -4.09 14.81
C VAL D 154 4.87 -5.14 14.68
N THR D 155 4.72 -6.28 15.42
CA THR D 155 5.61 -7.43 15.34
C THR D 155 4.82 -8.69 14.99
N VAL D 156 5.30 -9.46 14.01
CA VAL D 156 4.70 -10.75 13.67
C VAL D 156 5.65 -11.83 14.19
N LYS D 157 5.23 -12.51 15.24
CA LYS D 157 6.07 -13.56 15.80
C LYS D 157 5.88 -14.86 15.01
N VAL D 158 6.94 -15.34 14.35
CA VAL D 158 6.88 -16.57 13.55
C VAL D 158 7.48 -17.71 14.37
N VAL D 159 6.70 -18.80 14.56
CA VAL D 159 7.17 -19.94 15.37
C VAL D 159 7.29 -21.20 14.55
N ASP D 160 8.13 -22.14 15.05
CA ASP D 160 8.35 -23.45 14.48
C ASP D 160 7.51 -24.44 15.31
N PRO D 161 6.47 -25.09 14.73
CA PRO D 161 5.61 -25.98 15.53
C PRO D 161 6.29 -27.28 16.01
N ARG D 162 7.48 -27.61 15.48
CA ARG D 162 8.27 -28.77 15.89
C ARG D 162 8.86 -28.54 17.29
N PRO E 2 59.19 -116.38 18.69
CA PRO E 2 59.48 -114.94 18.76
C PRO E 2 58.91 -114.29 20.01
N LEU E 3 59.78 -113.66 20.81
CA LEU E 3 59.37 -112.97 22.03
C LEU E 3 58.67 -111.68 21.62
N GLY E 4 57.50 -111.43 22.18
CA GLY E 4 56.70 -110.25 21.87
C GLY E 4 57.40 -108.94 22.18
N SER E 5 56.99 -107.88 21.48
CA SER E 5 57.51 -106.54 21.69
C SER E 5 56.74 -105.84 22.80
N ASP E 6 57.27 -104.69 23.29
CA ASP E 6 56.63 -103.87 24.31
C ASP E 6 55.26 -103.37 23.84
N ALA E 7 55.07 -103.15 22.52
CA ALA E 7 53.81 -102.70 21.91
C ALA E 7 52.72 -103.77 21.98
N ASP E 8 53.11 -105.06 21.97
CA ASP E 8 52.19 -106.18 22.08
C ASP E 8 51.78 -106.38 23.54
N LYS E 9 52.63 -105.95 24.50
CA LYS E 9 52.43 -106.09 25.95
C LYS E 9 51.68 -104.91 26.58
N ASN E 10 51.71 -103.73 25.93
CA ASN E 10 51.04 -102.54 26.45
C ASN E 10 50.03 -101.97 25.46
N ASP E 11 48.98 -101.33 25.97
CA ASP E 11 47.98 -100.64 25.17
C ASP E 11 47.82 -99.22 25.74
N PRO E 12 48.30 -98.18 25.03
CA PRO E 12 48.14 -96.82 25.55
C PRO E 12 46.69 -96.36 25.36
N ALA E 13 46.23 -95.49 26.28
CA ALA E 13 44.88 -94.98 26.31
C ALA E 13 44.76 -93.55 25.85
N GLY E 14 43.86 -93.34 24.89
CA GLY E 14 43.55 -92.02 24.35
C GLY E 14 42.82 -91.18 25.37
N LYS E 15 43.10 -89.89 25.35
CA LYS E 15 42.51 -88.91 26.26
C LYS E 15 42.34 -87.62 25.51
N ASP E 16 41.13 -87.05 25.58
CA ASP E 16 40.84 -85.79 24.93
C ASP E 16 41.25 -84.67 25.86
N GLN E 17 41.88 -83.63 25.29
CA GLN E 17 42.33 -82.47 26.05
C GLN E 17 41.74 -81.22 25.47
N GLN E 18 41.52 -80.20 26.33
CA GLN E 18 40.95 -78.94 25.91
C GLN E 18 41.93 -77.82 26.17
N VAL E 19 42.20 -76.99 25.15
CA VAL E 19 43.12 -75.86 25.23
C VAL E 19 42.49 -74.62 24.58
N ASN E 20 43.03 -73.42 24.87
CA ASN E 20 42.53 -72.21 24.22
C ASN E 20 43.21 -72.06 22.88
N VAL E 21 42.68 -71.18 22.04
CA VAL E 21 43.25 -70.86 20.73
C VAL E 21 44.66 -70.26 20.97
N GLY E 22 45.67 -70.79 20.29
CA GLY E 22 47.04 -70.32 20.40
C GLY E 22 47.92 -71.13 21.33
N GLU E 23 47.28 -71.91 22.21
CA GLU E 23 47.96 -72.78 23.18
C GLU E 23 48.52 -73.99 22.48
N THR E 24 49.70 -74.44 22.87
CA THR E 24 50.31 -75.65 22.30
C THR E 24 50.00 -76.88 23.20
N PRO E 25 49.31 -77.92 22.67
CA PRO E 25 49.02 -79.08 23.52
C PRO E 25 50.21 -80.01 23.66
N LYS E 26 50.33 -80.67 24.82
CA LYS E 26 51.38 -81.65 25.10
C LYS E 26 50.81 -83.04 24.81
N ALA E 27 51.61 -83.91 24.19
CA ALA E 27 51.20 -85.28 23.87
C ALA E 27 50.88 -86.06 25.13
N GLU E 28 51.63 -85.81 26.22
CA GLU E 28 51.49 -86.42 27.54
C GLU E 28 50.07 -86.22 28.08
N ASP E 29 49.46 -85.06 27.78
CA ASP E 29 48.12 -84.70 28.18
C ASP E 29 47.04 -85.42 27.35
N SER E 30 47.44 -86.05 26.23
CA SER E 30 46.53 -86.82 25.38
C SER E 30 46.59 -88.34 25.67
N ILE E 31 47.39 -88.75 26.67
CA ILE E 31 47.54 -90.16 27.09
C ILE E 31 47.18 -90.30 28.57
N GLY E 32 46.16 -91.12 28.84
CA GLY E 32 45.70 -91.38 30.19
C GLY E 32 46.67 -92.19 31.03
N ASN E 33 46.87 -93.46 30.64
CA ASN E 33 47.66 -94.45 31.35
C ASN E 33 49.17 -94.45 31.04
N LEU E 34 49.83 -93.29 31.06
CA LEU E 34 51.28 -93.22 30.86
C LEU E 34 52.07 -94.02 31.95
N PRO E 35 51.68 -94.01 33.26
CA PRO E 35 52.45 -94.81 34.25
C PRO E 35 52.32 -96.32 34.10
N ASP E 36 51.21 -96.81 33.48
CA ASP E 36 50.97 -98.23 33.21
C ASP E 36 51.94 -98.76 32.15
N LEU E 37 52.35 -97.87 31.23
CA LEU E 37 53.29 -98.14 30.15
C LEU E 37 54.71 -98.25 30.74
N PRO E 38 55.68 -98.92 30.04
CA PRO E 38 57.03 -99.08 30.61
C PRO E 38 57.78 -97.77 30.85
N LYS E 39 58.73 -97.78 31.81
CA LYS E 39 59.56 -96.61 32.09
C LYS E 39 60.46 -96.39 30.89
N GLY E 40 60.56 -95.15 30.43
CA GLY E 40 61.36 -94.81 29.26
C GLY E 40 60.55 -94.62 27.99
N THR E 41 59.25 -94.98 28.05
CA THR E 41 58.30 -94.83 26.95
C THR E 41 58.11 -93.35 26.66
N THR E 42 58.23 -92.96 25.39
CA THR E 42 58.05 -91.57 24.99
C THR E 42 56.78 -91.40 24.17
N VAL E 43 56.13 -90.24 24.32
CA VAL E 43 54.91 -89.87 23.60
C VAL E 43 55.14 -88.58 22.81
N ALA E 44 54.61 -88.52 21.59
CA ALA E 44 54.73 -87.36 20.72
C ALA E 44 53.58 -87.32 19.72
N PHE E 45 53.25 -86.12 19.23
CA PHE E 45 52.21 -86.01 18.21
C PHE E 45 52.88 -86.36 16.90
N GLU E 46 52.21 -87.16 16.05
CA GLU E 46 52.73 -87.54 14.73
C GLU E 46 52.79 -86.28 13.88
N THR E 47 51.70 -85.48 13.96
CA THR E 47 51.52 -84.23 13.27
C THR E 47 51.28 -83.12 14.31
N PRO E 48 52.21 -82.12 14.43
CA PRO E 48 51.98 -81.01 15.38
C PRO E 48 50.59 -80.39 15.20
N VAL E 49 49.83 -80.32 16.30
CA VAL E 49 48.44 -79.83 16.35
C VAL E 49 48.32 -78.33 16.03
N ASP E 50 47.35 -77.98 15.16
CA ASP E 50 47.03 -76.61 14.77
C ASP E 50 46.02 -76.04 15.77
N THR E 51 46.40 -74.95 16.46
CA THR E 51 45.54 -74.30 17.46
C THR E 51 45.25 -72.84 17.11
N ALA E 52 45.47 -72.45 15.84
CA ALA E 52 45.23 -71.09 15.34
C ALA E 52 43.74 -70.72 15.23
N THR E 53 42.85 -71.73 15.17
CA THR E 53 41.41 -71.58 15.06
C THR E 53 40.66 -72.50 16.02
N PRO E 54 39.44 -72.15 16.51
CA PRO E 54 38.72 -73.06 17.40
C PRO E 54 38.12 -74.26 16.66
N GLY E 55 37.76 -75.30 17.40
CA GLY E 55 37.18 -76.53 16.86
C GLY E 55 37.92 -77.79 17.25
N ASP E 56 37.22 -78.93 17.22
CA ASP E 56 37.75 -80.25 17.53
C ASP E 56 38.78 -80.68 16.48
N LYS E 57 40.05 -80.85 16.90
CA LYS E 57 41.16 -81.20 16.02
C LYS E 57 41.56 -82.66 16.12
N PRO E 58 41.60 -83.40 14.99
CA PRO E 58 42.03 -84.81 15.05
C PRO E 58 43.55 -84.93 15.14
N ALA E 59 44.04 -85.77 16.08
CA ALA E 59 45.48 -85.96 16.29
C ALA E 59 45.87 -87.41 16.53
N LYS E 60 47.13 -87.73 16.24
CA LYS E 60 47.70 -89.05 16.46
C LYS E 60 48.90 -88.94 17.37
N VAL E 61 48.84 -89.66 18.49
CA VAL E 61 49.96 -89.72 19.45
C VAL E 61 50.73 -91.01 19.20
N VAL E 62 52.03 -90.87 18.85
CA VAL E 62 52.94 -91.98 18.62
C VAL E 62 53.63 -92.27 19.95
N VAL E 63 53.45 -93.51 20.42
CA VAL E 63 53.98 -94.03 21.67
C VAL E 63 55.17 -94.94 21.32
N THR E 64 56.40 -94.46 21.57
CA THR E 64 57.62 -95.23 21.31
C THR E 64 58.09 -95.87 22.61
N TYR E 65 58.14 -97.21 22.60
CA TYR E 65 58.53 -98.02 23.75
C TYR E 65 60.05 -98.20 23.83
N PRO E 66 60.63 -98.52 25.02
CA PRO E 66 62.10 -98.66 25.11
C PRO E 66 62.76 -99.63 24.12
N ASP E 67 62.05 -100.67 23.66
CA ASP E 67 62.60 -101.62 22.69
C ASP E 67 62.50 -101.15 21.23
N GLY E 68 61.93 -99.96 20.99
CA GLY E 68 61.78 -99.43 19.65
C GLY E 68 60.41 -99.62 19.04
N SER E 69 59.61 -100.56 19.57
CA SER E 69 58.25 -100.83 19.10
C SER E 69 57.34 -99.63 19.37
N LYS E 70 56.39 -99.37 18.46
CA LYS E 70 55.52 -98.19 18.55
C LYS E 70 54.03 -98.51 18.47
N ASP E 71 53.24 -97.65 19.14
CA ASP E 71 51.78 -97.70 19.14
C ASP E 71 51.26 -96.33 18.74
N THR E 72 50.20 -96.29 17.91
CA THR E 72 49.58 -95.04 17.46
C THR E 72 48.22 -94.93 18.14
N VAL E 73 47.94 -93.75 18.72
CA VAL E 73 46.69 -93.49 19.44
C VAL E 73 45.96 -92.31 18.80
N ASP E 74 44.72 -92.54 18.35
CA ASP E 74 43.90 -91.49 17.77
C ASP E 74 43.17 -90.72 18.86
N VAL E 75 43.38 -89.39 18.90
CA VAL E 75 42.81 -88.48 19.90
C VAL E 75 42.16 -87.27 19.24
N THR E 76 41.39 -86.51 20.05
CA THR E 76 40.72 -85.27 19.68
C THR E 76 41.23 -84.16 20.61
N VAL E 77 41.69 -83.04 20.03
CA VAL E 77 42.15 -81.88 20.78
C VAL E 77 41.08 -80.80 20.61
N LYS E 78 40.36 -80.49 21.70
CA LYS E 78 39.32 -79.47 21.67
C LYS E 78 39.96 -78.09 21.83
N VAL E 79 39.97 -77.32 20.72
CA VAL E 79 40.50 -75.95 20.72
C VAL E 79 39.31 -75.01 20.92
N VAL E 80 39.33 -74.30 22.05
CA VAL E 80 38.25 -73.40 22.41
C VAL E 80 38.66 -71.95 22.36
N ASP E 81 37.69 -71.08 22.11
CA ASP E 81 37.88 -69.64 22.14
C ASP E 81 37.56 -69.23 23.59
N PRO E 82 38.54 -68.69 24.36
CA PRO E 82 38.25 -68.34 25.76
C PRO E 82 37.32 -67.12 25.91
N ARG E 83 37.41 -66.21 24.92
CA ARG E 83 36.65 -64.96 24.82
C ARG E 83 35.15 -65.21 24.88
N THR E 84 34.44 -64.36 25.65
CA THR E 84 32.98 -64.39 25.81
C THR E 84 32.35 -63.67 24.59
N ASP E 85 31.02 -63.77 24.42
CA ASP E 85 30.34 -63.07 23.31
C ASP E 85 30.45 -61.55 23.45
N ALA E 86 30.53 -61.04 24.71
CA ALA E 86 30.71 -59.62 25.01
C ALA E 86 32.09 -59.14 24.57
N ASP E 87 33.07 -60.04 24.56
CA ASP E 87 34.43 -59.73 24.11
C ASP E 87 34.48 -59.86 22.58
N LYS E 88 33.67 -60.78 22.02
CA LYS E 88 33.60 -61.08 20.58
C LYS E 88 32.70 -60.14 19.78
N ASN E 89 31.94 -59.25 20.47
CA ASN E 89 31.02 -58.32 19.82
C ASN E 89 31.07 -56.91 20.37
N ASP E 90 30.81 -55.91 19.49
CA ASP E 90 30.77 -54.49 19.82
C ASP E 90 29.44 -53.88 19.37
N PRO E 91 28.45 -53.75 20.29
CA PRO E 91 27.17 -53.14 19.89
C PRO E 91 27.32 -51.67 19.58
N ALA E 92 26.77 -51.21 18.44
CA ALA E 92 26.83 -49.82 18.02
C ALA E 92 25.65 -49.07 18.59
N GLY E 93 25.92 -48.36 19.68
CA GLY E 93 24.92 -47.54 20.38
C GLY E 93 24.59 -46.32 19.57
N LYS E 94 23.28 -46.08 19.40
CA LYS E 94 22.75 -44.95 18.66
C LYS E 94 21.79 -44.20 19.56
N ASP E 95 21.82 -42.86 19.52
CA ASP E 95 20.86 -42.04 20.27
C ASP E 95 19.57 -42.07 19.47
N GLN E 96 18.44 -42.25 20.17
CA GLN E 96 17.14 -42.26 19.51
C GLN E 96 16.29 -41.09 19.94
N GLN E 97 15.40 -40.62 19.03
CA GLN E 97 14.46 -39.56 19.28
C GLN E 97 13.04 -40.09 19.21
N VAL E 98 12.25 -39.75 20.23
CA VAL E 98 10.84 -40.12 20.37
C VAL E 98 10.00 -38.87 20.73
N ASN E 99 8.69 -38.95 20.51
CA ASN E 99 7.75 -37.89 20.89
C ASN E 99 7.32 -38.13 22.34
N VAL E 100 6.67 -37.13 22.97
CA VAL E 100 6.17 -37.23 24.33
C VAL E 100 5.08 -38.31 24.39
N GLY E 101 5.24 -39.27 25.30
CA GLY E 101 4.29 -40.37 25.48
C GLY E 101 4.63 -41.66 24.76
N GLU E 102 5.60 -41.59 23.83
CA GLU E 102 6.07 -42.73 23.05
C GLU E 102 6.92 -43.64 23.95
N THR E 103 6.77 -44.97 23.81
CA THR E 103 7.57 -45.90 24.57
C THR E 103 8.79 -46.28 23.70
N PRO E 104 10.03 -45.94 24.11
CA PRO E 104 11.18 -46.24 23.24
C PRO E 104 11.62 -47.70 23.27
N LYS E 105 11.95 -48.25 22.10
CA LYS E 105 12.46 -49.61 21.94
C LYS E 105 13.97 -49.57 22.09
N ALA E 106 14.54 -50.48 22.91
CA ALA E 106 15.99 -50.58 23.12
C ALA E 106 16.71 -50.95 21.80
N GLU E 107 16.03 -51.77 20.98
CA GLU E 107 16.47 -52.23 19.65
C GLU E 107 16.84 -51.07 18.75
N ASP E 108 16.11 -49.93 18.87
CA ASP E 108 16.35 -48.70 18.10
C ASP E 108 17.68 -48.04 18.47
N SER E 109 18.12 -48.19 19.73
CA SER E 109 19.37 -47.63 20.22
C SER E 109 20.58 -48.45 19.84
N ILE E 110 20.37 -49.60 19.19
CA ILE E 110 21.45 -50.51 18.75
C ILE E 110 21.38 -50.61 17.23
N GLY E 111 22.37 -50.01 16.58
CA GLY E 111 22.48 -49.97 15.13
C GLY E 111 22.83 -51.29 14.42
N ASN E 112 23.66 -52.15 15.05
CA ASN E 112 24.10 -53.39 14.42
C ASN E 112 23.63 -54.70 15.12
N LEU E 113 22.31 -54.87 15.30
CA LEU E 113 21.69 -56.06 15.89
C LEU E 113 22.00 -57.35 15.08
N PRO E 114 21.92 -57.38 13.72
CA PRO E 114 22.28 -58.62 12.99
C PRO E 114 23.75 -59.06 13.12
N ASP E 115 24.67 -58.11 13.39
CA ASP E 115 26.10 -58.36 13.61
C ASP E 115 26.32 -59.07 14.94
N LEU E 116 25.35 -58.99 15.86
CA LEU E 116 25.38 -59.64 17.17
C LEU E 116 24.84 -61.09 17.05
N PRO E 117 25.24 -62.03 17.95
CA PRO E 117 24.79 -63.44 17.81
C PRO E 117 23.27 -63.66 17.84
N LYS E 118 22.81 -64.77 17.23
CA LYS E 118 21.41 -65.15 17.23
C LYS E 118 21.01 -65.55 18.65
N GLY E 119 20.03 -64.85 19.21
CA GLY E 119 19.57 -65.11 20.56
C GLY E 119 19.88 -63.98 21.53
N THR E 120 20.69 -63.00 21.08
CA THR E 120 21.07 -61.81 21.85
C THR E 120 19.81 -60.95 22.06
N THR E 121 19.64 -60.41 23.28
CA THR E 121 18.50 -59.54 23.62
C THR E 121 18.97 -58.20 24.14
N VAL E 122 18.22 -57.14 23.77
CA VAL E 122 18.50 -55.77 24.21
C VAL E 122 17.33 -55.22 25.00
N ALA E 123 17.63 -54.55 26.11
CA ALA E 123 16.64 -53.96 27.00
C ALA E 123 17.21 -52.76 27.73
N PHE E 124 16.37 -51.78 28.09
CA PHE E 124 16.84 -50.63 28.86
C PHE E 124 16.98 -51.08 30.29
N GLU E 125 18.07 -50.66 30.97
CA GLU E 125 18.32 -51.04 32.37
C GLU E 125 17.14 -50.59 33.23
N THR E 126 16.71 -49.34 33.02
CA THR E 126 15.59 -48.75 33.72
C THR E 126 14.66 -48.14 32.65
N PRO E 127 13.32 -48.35 32.74
CA PRO E 127 12.42 -47.76 31.73
C PRO E 127 12.53 -46.25 31.62
N VAL E 128 12.50 -45.76 30.37
CA VAL E 128 12.65 -44.35 30.01
C VAL E 128 11.34 -43.59 30.21
N ASP E 129 11.40 -42.44 30.92
CA ASP E 129 10.27 -41.53 31.15
C ASP E 129 10.13 -40.61 29.95
N THR E 130 8.94 -40.65 29.32
CA THR E 130 8.69 -39.86 28.11
C THR E 130 7.50 -38.88 28.23
N ALA E 131 6.83 -38.71 29.41
CA ALA E 131 5.69 -37.76 29.53
C ALA E 131 6.09 -36.28 29.45
N THR E 132 7.40 -35.99 29.54
CA THR E 132 7.93 -34.63 29.42
C THR E 132 9.05 -34.58 28.37
N PRO E 133 9.22 -33.48 27.61
CA PRO E 133 10.34 -33.42 26.64
C PRO E 133 11.70 -33.26 27.32
N GLY E 134 12.77 -33.53 26.56
CA GLY E 134 14.14 -33.41 27.04
C GLY E 134 15.00 -34.62 26.75
N ASP E 135 16.33 -34.46 26.97
CA ASP E 135 17.32 -35.52 26.78
C ASP E 135 17.37 -36.44 27.99
N LYS E 136 16.87 -37.67 27.82
CA LYS E 136 16.79 -38.68 28.87
C LYS E 136 17.97 -39.66 28.75
N PRO E 137 18.86 -39.72 29.77
CA PRO E 137 19.98 -40.65 29.68
C PRO E 137 19.49 -42.08 29.93
N ALA E 138 19.98 -43.03 29.14
CA ALA E 138 19.58 -44.43 29.27
C ALA E 138 20.74 -45.39 29.04
N LYS E 139 20.59 -46.61 29.54
CA LYS E 139 21.56 -47.67 29.40
C LYS E 139 20.86 -48.85 28.74
N VAL E 140 21.42 -49.31 27.61
CA VAL E 140 20.92 -50.49 26.89
C VAL E 140 21.80 -51.66 27.31
N VAL E 141 21.18 -52.67 27.92
CA VAL E 141 21.84 -53.88 28.37
C VAL E 141 21.71 -54.89 27.24
N VAL E 142 22.85 -55.30 26.69
CA VAL E 142 22.95 -56.27 25.60
C VAL E 142 23.28 -57.62 26.24
N THR E 143 22.30 -58.54 26.32
CA THR E 143 22.47 -59.87 26.90
C THR E 143 22.71 -60.88 25.80
N TYR E 144 23.93 -61.38 25.75
CA TYR E 144 24.39 -62.34 24.75
C TYR E 144 23.91 -63.77 25.01
N PRO E 145 23.92 -64.67 23.98
CA PRO E 145 23.45 -66.05 24.22
C PRO E 145 24.26 -66.81 25.26
N ASP E 146 25.59 -66.57 25.36
CA ASP E 146 26.49 -67.20 26.34
C ASP E 146 26.31 -66.68 27.80
N GLY E 147 25.39 -65.74 28.00
CA GLY E 147 25.13 -65.17 29.30
C GLY E 147 25.84 -63.86 29.59
N SER E 148 26.95 -63.58 28.85
CA SER E 148 27.71 -62.33 28.98
C SER E 148 26.91 -61.09 28.59
N LYS E 149 27.29 -59.93 29.12
CA LYS E 149 26.58 -58.69 28.85
C LYS E 149 27.48 -57.51 28.49
N ASP E 150 27.01 -56.68 27.54
CA ASP E 150 27.63 -55.44 27.06
C ASP E 150 26.63 -54.31 27.37
N THR E 151 27.09 -53.20 27.98
CA THR E 151 26.20 -52.08 28.35
C THR E 151 26.58 -50.85 27.54
N VAL E 152 25.58 -50.25 26.89
CA VAL E 152 25.75 -49.07 26.05
C VAL E 152 25.00 -47.89 26.65
N ASP E 153 25.71 -46.78 26.89
CA ASP E 153 25.14 -45.53 27.40
C ASP E 153 24.63 -44.75 26.20
N VAL E 154 23.31 -44.46 26.18
CA VAL E 154 22.66 -43.72 25.09
C VAL E 154 21.80 -42.58 25.66
N THR E 155 21.31 -41.70 24.77
CA THR E 155 20.42 -40.59 25.07
C THR E 155 19.13 -40.76 24.27
N VAL E 156 17.99 -40.71 24.97
CA VAL E 156 16.68 -40.80 24.36
C VAL E 156 16.14 -39.36 24.40
N LYS E 157 16.17 -38.67 23.24
CA LYS E 157 15.70 -37.30 23.13
C LYS E 157 14.18 -37.33 22.99
N VAL E 158 13.48 -36.71 23.94
CA VAL E 158 12.02 -36.63 23.94
C VAL E 158 11.61 -35.24 23.41
N VAL E 159 10.79 -35.23 22.35
CA VAL E 159 10.35 -33.97 21.72
C VAL E 159 8.83 -33.75 21.87
N ASP E 160 8.40 -32.48 22.04
CA ASP E 160 6.96 -32.16 22.13
C ASP E 160 6.50 -31.29 20.95
N PRO E 161 6.29 -31.88 19.74
CA PRO E 161 5.85 -31.05 18.61
C PRO E 161 4.44 -30.50 18.81
N ARG E 162 4.37 -29.16 19.00
CA ARG E 162 3.20 -28.31 19.22
C ARG E 162 2.70 -28.31 20.68
N PRO F 2 49.95 -77.66 28.69
CA PRO F 2 49.68 -76.72 27.59
C PRO F 2 50.43 -75.40 27.72
N LEU F 3 51.22 -75.07 26.68
CA LEU F 3 51.99 -73.84 26.63
C LEU F 3 51.02 -72.70 26.39
N GLY F 4 51.17 -71.61 27.15
CA GLY F 4 50.34 -70.42 27.05
C GLY F 4 50.34 -69.77 25.68
N SER F 5 49.25 -69.08 25.35
CA SER F 5 49.10 -68.40 24.07
C SER F 5 49.75 -67.01 24.10
N ASP F 6 49.91 -66.40 22.92
CA ASP F 6 50.46 -65.04 22.78
C ASP F 6 49.60 -64.01 23.51
N ALA F 7 48.27 -64.25 23.60
CA ALA F 7 47.31 -63.38 24.29
C ALA F 7 47.52 -63.38 25.79
N ASP F 8 48.01 -64.51 26.36
CA ASP F 8 48.31 -64.65 27.78
C ASP F 8 49.63 -63.93 28.11
N LYS F 9 50.54 -63.82 27.12
CA LYS F 9 51.88 -63.22 27.25
C LYS F 9 51.89 -61.69 26.98
N ASN F 10 50.93 -61.18 26.21
CA ASN F 10 50.87 -59.75 25.88
C ASN F 10 49.58 -59.09 26.32
N ASP F 11 49.65 -57.80 26.62
CA ASP F 11 48.49 -56.98 27.00
C ASP F 11 48.50 -55.72 26.10
N PRO F 12 47.59 -55.62 25.08
CA PRO F 12 47.59 -54.42 24.24
C PRO F 12 46.99 -53.23 25.00
N ALA F 13 47.45 -52.03 24.67
CA ALA F 13 47.05 -50.78 25.30
C ALA F 13 46.12 -49.92 24.46
N GLY F 14 44.98 -49.56 25.06
CA GLY F 14 43.98 -48.70 24.45
C GLY F 14 44.47 -47.28 24.35
N LYS F 15 44.06 -46.59 23.27
CA LYS F 15 44.44 -45.21 22.97
C LYS F 15 43.26 -44.53 22.30
N ASP F 16 42.89 -43.34 22.79
CA ASP F 16 41.80 -42.59 22.20
C ASP F 16 42.33 -41.75 21.04
N GLN F 17 41.51 -41.64 19.97
CA GLN F 17 41.85 -40.86 18.79
C GLN F 17 40.70 -39.92 18.45
N GLN F 18 41.03 -38.76 17.85
CA GLN F 18 40.05 -37.75 17.45
C GLN F 18 40.01 -37.58 15.94
N VAL F 19 38.79 -37.66 15.38
CA VAL F 19 38.52 -37.53 13.95
C VAL F 19 37.41 -36.51 13.69
N ASN F 20 37.36 -36.03 12.45
CA ASN F 20 36.33 -35.12 11.97
C ASN F 20 35.22 -35.99 11.38
N VAL F 21 34.02 -35.43 11.21
CA VAL F 21 32.86 -36.13 10.64
C VAL F 21 33.22 -36.57 9.22
N GLY F 22 32.99 -37.84 8.91
CA GLY F 22 33.27 -38.42 7.59
C GLY F 22 34.64 -39.07 7.48
N GLU F 23 35.55 -38.77 8.43
CA GLU F 23 36.89 -39.36 8.46
C GLU F 23 36.82 -40.79 8.92
N THR F 24 37.63 -41.66 8.34
CA THR F 24 37.69 -43.07 8.74
C THR F 24 38.86 -43.31 9.72
N PRO F 25 38.61 -43.76 10.96
CA PRO F 25 39.73 -44.00 11.89
C PRO F 25 40.44 -45.33 11.61
N LYS F 26 41.75 -45.37 11.86
CA LYS F 26 42.56 -46.59 11.70
C LYS F 26 42.69 -47.26 13.06
N ALA F 27 42.56 -48.61 13.11
CA ALA F 27 42.68 -49.38 14.36
C ALA F 27 44.04 -49.18 15.00
N GLU F 28 45.10 -49.07 14.17
CA GLU F 28 46.50 -48.87 14.57
C GLU F 28 46.63 -47.60 15.43
N ASP F 29 45.84 -46.57 15.12
CA ASP F 29 45.82 -45.30 15.83
C ASP F 29 45.09 -45.40 17.19
N SER F 30 44.38 -46.52 17.43
CA SER F 30 43.68 -46.77 18.69
C SER F 30 44.50 -47.68 19.64
N ILE F 31 45.72 -48.09 19.23
CA ILE F 31 46.61 -48.96 20.02
C ILE F 31 47.96 -48.27 20.26
N GLY F 32 48.29 -48.07 21.53
CA GLY F 32 49.54 -47.42 21.94
C GLY F 32 50.77 -48.25 21.69
N ASN F 33 50.88 -49.37 22.43
CA ASN F 33 52.03 -50.28 22.46
C ASN F 33 52.03 -51.38 21.39
N LEU F 34 51.80 -51.03 20.12
CA LEU F 34 51.86 -52.01 19.03
C LEU F 34 53.28 -52.66 18.90
N PRO F 35 54.41 -51.91 19.05
CA PRO F 35 55.75 -52.56 18.95
C PRO F 35 56.09 -53.54 20.09
N ASP F 36 55.46 -53.35 21.28
CA ASP F 36 55.66 -54.22 22.45
C ASP F 36 55.03 -55.59 22.19
N LEU F 37 53.96 -55.63 21.36
CA LEU F 37 53.25 -56.83 20.96
C LEU F 37 54.12 -57.62 19.94
N PRO F 38 53.88 -58.94 19.72
CA PRO F 38 54.73 -59.69 18.78
C PRO F 38 54.66 -59.20 17.34
N LYS F 39 55.74 -59.44 16.57
CA LYS F 39 55.78 -59.08 15.14
C LYS F 39 54.80 -60.01 14.43
N GLY F 40 53.98 -59.44 13.55
CA GLY F 40 52.94 -60.19 12.84
C GLY F 40 51.55 -59.99 13.40
N THR F 41 51.46 -59.39 14.61
CA THR F 41 50.21 -59.07 15.32
C THR F 41 49.41 -58.07 14.48
N THR F 42 48.13 -58.39 14.23
CA THR F 42 47.27 -57.51 13.45
C THR F 42 46.19 -56.91 14.34
N VAL F 43 45.80 -55.66 14.02
CA VAL F 43 44.76 -54.91 14.74
C VAL F 43 43.67 -54.52 13.78
N ALA F 44 42.40 -54.61 14.24
CA ALA F 44 41.22 -54.27 13.45
C ALA F 44 40.07 -53.86 14.35
N PHE F 45 39.13 -53.07 13.83
CA PHE F 45 37.95 -52.72 14.61
C PHE F 45 36.99 -53.90 14.47
N GLU F 46 36.36 -54.30 15.59
CA GLU F 46 35.38 -55.40 15.57
C GLU F 46 34.17 -54.94 14.75
N THR F 47 33.76 -53.69 14.98
CA THR F 47 32.65 -53.02 14.34
C THR F 47 33.19 -51.78 13.60
N PRO F 48 33.10 -51.74 12.22
CA PRO F 48 33.57 -50.55 11.48
C PRO F 48 32.95 -49.30 12.09
N VAL F 49 33.79 -48.37 12.55
CA VAL F 49 33.32 -47.16 13.27
C VAL F 49 32.39 -46.28 12.41
N ASP F 50 31.40 -45.67 13.06
CA ASP F 50 30.45 -44.76 12.42
C ASP F 50 30.93 -43.33 12.68
N THR F 51 31.23 -42.58 11.59
CA THR F 51 31.71 -41.21 11.69
C THR F 51 30.80 -40.22 10.95
N ALA F 52 29.56 -40.67 10.62
CA ALA F 52 28.55 -39.86 9.92
C ALA F 52 27.96 -38.73 10.79
N THR F 53 28.08 -38.85 12.13
CA THR F 53 27.57 -37.89 13.12
C THR F 53 28.62 -37.59 14.20
N PRO F 54 28.63 -36.39 14.83
CA PRO F 54 29.62 -36.14 15.91
C PRO F 54 29.26 -36.86 17.21
N GLY F 55 30.24 -36.92 18.13
CA GLY F 55 30.10 -37.56 19.43
C GLY F 55 31.11 -38.68 19.70
N ASP F 56 31.35 -38.96 21.00
CA ASP F 56 32.27 -40.01 21.47
C ASP F 56 31.70 -41.38 21.10
N LYS F 57 32.43 -42.10 20.22
CA LYS F 57 32.01 -43.42 19.73
C LYS F 57 32.73 -44.57 20.44
N PRO F 58 31.97 -45.53 21.01
CA PRO F 58 32.64 -46.67 21.67
C PRO F 58 33.07 -47.70 20.62
N ALA F 59 34.33 -48.14 20.69
CA ALA F 59 34.87 -49.10 19.73
C ALA F 59 35.69 -50.18 20.39
N LYS F 60 35.76 -51.33 19.71
CA LYS F 60 36.51 -52.49 20.15
C LYS F 60 37.54 -52.83 19.10
N VAL F 61 38.81 -52.83 19.51
CA VAL F 61 39.93 -53.21 18.65
C VAL F 61 40.29 -54.67 18.97
N VAL F 62 40.18 -55.54 17.95
CA VAL F 62 40.52 -56.95 18.05
C VAL F 62 41.97 -57.07 17.63
N VAL F 63 42.79 -57.60 18.55
CA VAL F 63 44.22 -57.79 18.39
C VAL F 63 44.43 -59.28 18.15
N THR F 64 44.75 -59.65 16.90
CA THR F 64 45.01 -61.05 16.52
C THR F 64 46.52 -61.29 16.52
N TYR F 65 46.96 -62.19 17.39
CA TYR F 65 48.37 -62.56 17.53
C TYR F 65 48.81 -63.62 16.51
N PRO F 66 50.13 -63.76 16.21
CA PRO F 66 50.56 -64.75 15.21
C PRO F 66 50.08 -66.19 15.42
N ASP F 67 49.83 -66.60 16.68
CA ASP F 67 49.37 -67.96 16.98
C ASP F 67 47.85 -68.13 16.86
N GLY F 68 47.14 -67.06 16.51
CA GLY F 68 45.69 -67.11 16.36
C GLY F 68 44.91 -66.60 17.56
N SER F 69 45.56 -66.52 18.74
CA SER F 69 44.93 -66.01 19.97
C SER F 69 44.61 -64.54 19.81
N LYS F 70 43.50 -64.09 20.42
CA LYS F 70 43.03 -62.71 20.28
C LYS F 70 42.78 -62.00 21.59
N ASP F 71 42.97 -60.68 21.58
CA ASP F 71 42.70 -59.79 22.69
C ASP F 71 41.77 -58.69 22.20
N THR F 72 40.79 -58.29 23.02
CA THR F 72 39.83 -57.22 22.69
C THR F 72 40.16 -56.00 23.55
N VAL F 73 40.27 -54.85 22.91
CA VAL F 73 40.60 -53.58 23.56
C VAL F 73 39.47 -52.57 23.37
N ASP F 74 38.89 -52.09 24.50
CA ASP F 74 37.83 -51.10 24.46
C ASP F 74 38.44 -49.70 24.37
N VAL F 75 38.03 -48.94 23.33
CA VAL F 75 38.52 -47.59 23.05
C VAL F 75 37.38 -46.63 22.76
N THR F 76 37.69 -45.33 22.75
CA THR F 76 36.76 -44.24 22.44
C THR F 76 37.31 -43.48 21.23
N VAL F 77 36.45 -43.27 20.21
CA VAL F 77 36.78 -42.52 19.01
C VAL F 77 35.99 -41.22 19.10
N LYS F 78 36.70 -40.09 19.31
CA LYS F 78 36.04 -38.79 19.39
C LYS F 78 35.80 -38.23 17.99
N VAL F 79 34.52 -38.19 17.56
CA VAL F 79 34.11 -37.66 16.26
C VAL F 79 33.63 -36.22 16.48
N VAL F 80 34.26 -35.26 15.82
CA VAL F 80 33.89 -33.84 15.99
C VAL F 80 33.44 -33.23 14.66
N ASP F 81 32.46 -32.32 14.73
CA ASP F 81 31.96 -31.55 13.57
C ASP F 81 32.90 -30.35 13.50
N PRO F 82 33.85 -30.35 12.51
CA PRO F 82 34.83 -29.26 12.45
C PRO F 82 34.19 -27.88 12.21
N ARG F 83 33.06 -27.86 11.47
CA ARG F 83 32.27 -26.66 11.17
C ARG F 83 31.86 -25.98 12.46
N THR F 84 31.89 -24.65 12.44
CA THR F 84 31.54 -23.76 13.55
C THR F 84 30.05 -23.40 13.45
N ASP F 85 29.48 -22.77 14.50
CA ASP F 85 28.08 -22.33 14.46
C ASP F 85 27.84 -21.27 13.36
N ALA F 86 28.88 -20.44 13.06
CA ALA F 86 28.84 -19.43 11.99
C ALA F 86 28.76 -20.08 10.61
N ASP F 87 29.27 -21.31 10.49
CA ASP F 87 29.22 -22.09 9.25
C ASP F 87 27.88 -22.83 9.20
N LYS F 88 27.34 -23.18 10.37
CA LYS F 88 26.09 -23.94 10.52
C LYS F 88 24.83 -23.04 10.51
N ASN F 89 25.00 -21.70 10.52
CA ASN F 89 23.87 -20.77 10.56
C ASN F 89 24.02 -19.56 9.63
N ASP F 90 22.87 -19.05 9.14
CA ASP F 90 22.78 -17.89 8.27
C ASP F 90 21.77 -16.88 8.83
N PRO F 91 22.24 -15.82 9.54
CA PRO F 91 21.29 -14.84 10.10
C PRO F 91 20.63 -14.03 9.00
N ALA F 92 19.31 -13.83 9.11
CA ALA F 92 18.49 -13.09 8.17
C ALA F 92 18.44 -11.63 8.58
N GLY F 93 19.29 -10.85 7.96
CA GLY F 93 19.38 -9.41 8.20
C GLY F 93 18.18 -8.69 7.66
N LYS F 94 17.58 -7.86 8.51
CA LYS F 94 16.40 -7.06 8.18
C LYS F 94 16.70 -5.60 8.49
N ASP F 95 16.29 -4.71 7.60
CA ASP F 95 16.43 -3.27 7.81
C ASP F 95 15.31 -2.86 8.77
N GLN F 96 15.63 -2.02 9.78
CA GLN F 96 14.62 -1.56 10.75
C GLN F 96 14.27 -0.07 10.56
N GLN F 97 13.10 0.37 11.08
CA GLN F 97 12.66 1.76 10.96
C GLN F 97 12.29 2.40 12.29
N VAL F 98 13.21 3.23 12.84
CA VAL F 98 13.04 3.92 14.12
C VAL F 98 12.76 5.42 13.92
N ASN F 99 12.20 6.07 14.96
CA ASN F 99 11.92 7.51 14.95
C ASN F 99 13.18 8.23 15.45
N VAL F 100 13.23 9.56 15.27
CA VAL F 100 14.38 10.38 15.71
C VAL F 100 14.46 10.33 17.25
N GLY F 101 15.62 9.98 17.78
CA GLY F 101 15.86 9.89 19.22
C GLY F 101 15.72 8.51 19.81
N GLU F 102 15.12 7.57 19.05
CA GLU F 102 14.91 6.18 19.44
C GLU F 102 16.23 5.43 19.41
N THR F 103 16.49 4.56 20.40
CA THR F 103 17.71 3.75 20.43
C THR F 103 17.40 2.41 19.76
N PRO F 104 18.02 2.07 18.61
CA PRO F 104 17.67 0.80 17.96
C PRO F 104 18.29 -0.45 18.58
N LYS F 105 17.48 -1.53 18.65
CA LYS F 105 17.88 -2.85 19.12
C LYS F 105 18.40 -3.64 17.94
N ALA F 106 19.58 -4.29 18.08
CA ALA F 106 20.19 -5.12 17.03
C ALA F 106 19.29 -6.32 16.70
N GLU F 107 18.61 -6.86 17.72
CA GLU F 107 17.67 -7.98 17.64
C GLU F 107 16.59 -7.75 16.57
N ASP F 108 16.14 -6.49 16.42
CA ASP F 108 15.12 -6.09 15.45
C ASP F 108 15.65 -6.11 14.00
N SER F 109 17.00 -6.14 13.84
CA SER F 109 17.67 -6.20 12.55
C SER F 109 18.02 -7.65 12.16
N ILE F 110 17.58 -8.64 12.97
CA ILE F 110 17.78 -10.07 12.73
C ILE F 110 16.40 -10.73 12.79
N GLY F 111 15.91 -11.14 11.62
CA GLY F 111 14.61 -11.78 11.48
C GLY F 111 14.46 -13.20 12.03
N ASN F 112 15.56 -13.97 12.11
CA ASN F 112 15.50 -15.38 12.51
C ASN F 112 16.35 -15.73 13.76
N LEU F 113 16.15 -14.98 14.85
CA LEU F 113 16.85 -15.26 16.11
C LEU F 113 16.57 -16.69 16.65
N PRO F 114 15.31 -17.23 16.64
CA PRO F 114 15.10 -18.63 17.06
C PRO F 114 15.75 -19.70 16.18
N ASP F 115 16.01 -19.39 14.89
CA ASP F 115 16.71 -20.30 13.97
C ASP F 115 18.20 -20.36 14.32
N LEU F 116 18.69 -19.44 15.15
CA LEU F 116 20.08 -19.43 15.59
C LEU F 116 20.18 -20.19 16.91
N PRO F 117 21.35 -20.79 17.26
CA PRO F 117 21.43 -21.56 18.51
C PRO F 117 21.04 -20.80 19.78
N LYS F 118 20.59 -21.52 20.83
CA LYS F 118 20.23 -20.90 22.09
C LYS F 118 21.50 -20.42 22.77
N GLY F 119 21.56 -19.11 23.06
CA GLY F 119 22.73 -18.49 23.66
C GLY F 119 23.41 -17.51 22.74
N THR F 120 23.01 -17.49 21.46
CA THR F 120 23.53 -16.57 20.44
C THR F 120 23.13 -15.12 20.80
N THR F 121 24.07 -14.17 20.65
CA THR F 121 23.82 -12.76 20.97
C THR F 121 24.08 -11.87 19.77
N VAL F 122 23.29 -10.79 19.64
CA VAL F 122 23.40 -9.82 18.55
C VAL F 122 23.65 -8.44 19.12
N ALA F 123 24.51 -7.65 18.46
CA ALA F 123 24.87 -6.29 18.86
C ALA F 123 25.38 -5.51 17.67
N PHE F 124 25.19 -4.17 17.66
CA PHE F 124 25.70 -3.34 16.59
C PHE F 124 27.18 -3.14 16.83
N GLU F 125 28.00 -3.26 15.76
CA GLU F 125 29.46 -3.08 15.84
C GLU F 125 29.77 -1.68 16.38
N THR F 126 29.09 -0.66 15.83
CA THR F 126 29.23 0.73 16.22
C THR F 126 27.82 1.27 16.52
N PRO F 127 27.64 2.02 17.64
CA PRO F 127 26.30 2.56 17.95
C PRO F 127 25.71 3.44 16.84
N VAL F 128 24.40 3.29 16.60
CA VAL F 128 23.65 4.01 15.59
C VAL F 128 23.21 5.40 16.08
N ASP F 129 23.48 6.45 15.27
CA ASP F 129 23.09 7.83 15.54
C ASP F 129 21.65 8.02 15.04
N THR F 130 20.75 8.43 15.93
CA THR F 130 19.33 8.62 15.58
C THR F 130 18.81 10.04 15.83
N ALA F 131 19.71 10.97 16.17
CA ALA F 131 19.39 12.38 16.44
C ALA F 131 18.85 13.15 15.23
N THR F 132 19.07 12.62 14.02
CA THR F 132 18.62 13.20 12.75
C THR F 132 18.01 12.13 11.85
N PRO F 133 17.02 12.44 10.99
CA PRO F 133 16.46 11.41 10.10
C PRO F 133 17.42 11.00 8.98
N GLY F 134 17.14 9.85 8.35
CA GLY F 134 17.94 9.32 7.25
C GLY F 134 18.35 7.86 7.40
N ASP F 135 18.87 7.28 6.31
CA ASP F 135 19.32 5.88 6.27
C ASP F 135 20.73 5.75 6.84
N LYS F 136 20.81 5.13 8.04
CA LYS F 136 22.07 4.93 8.76
C LYS F 136 22.62 3.52 8.54
N PRO F 137 23.81 3.38 7.93
CA PRO F 137 24.37 2.04 7.70
C PRO F 137 24.90 1.44 9.00
N ALA F 138 24.61 0.16 9.24
CA ALA F 138 25.02 -0.51 10.46
C ALA F 138 25.44 -1.95 10.21
N LYS F 139 26.22 -2.50 11.15
CA LYS F 139 26.68 -3.88 11.12
C LYS F 139 26.25 -4.57 12.39
N VAL F 140 25.52 -5.68 12.25
CA VAL F 140 25.06 -6.47 13.37
C VAL F 140 26.02 -7.65 13.52
N VAL F 141 26.70 -7.73 14.68
CA VAL F 141 27.63 -8.80 14.99
C VAL F 141 26.85 -9.90 15.70
N VAL F 142 26.80 -11.08 15.08
CA VAL F 142 26.11 -12.26 15.60
C VAL F 142 27.16 -13.16 16.27
N THR F 143 27.17 -13.21 17.62
CA THR F 143 28.10 -14.02 18.41
C THR F 143 27.41 -15.31 18.82
N TYR F 144 27.89 -16.42 18.27
CA TYR F 144 27.36 -17.76 18.50
C TYR F 144 27.81 -18.38 19.84
N PRO F 145 27.10 -19.42 20.36
CA PRO F 145 27.51 -20.02 21.65
C PRO F 145 28.90 -20.67 21.63
N ASP F 146 29.32 -21.22 20.47
CA ASP F 146 30.64 -21.84 20.30
C ASP F 146 31.80 -20.81 20.18
N GLY F 147 31.48 -19.51 20.23
CA GLY F 147 32.48 -18.45 20.14
C GLY F 147 32.61 -17.84 18.77
N SER F 148 32.21 -18.59 17.70
CA SER F 148 32.25 -18.11 16.32
C SER F 148 31.33 -16.90 16.07
N LYS F 149 31.64 -16.07 15.05
CA LYS F 149 30.85 -14.87 14.73
C LYS F 149 30.50 -14.68 13.24
N ASP F 150 29.29 -14.15 12.96
CA ASP F 150 28.78 -13.78 11.63
C ASP F 150 28.50 -12.27 11.70
N THR F 151 28.60 -11.59 10.57
CA THR F 151 28.36 -10.15 10.51
C THR F 151 27.39 -9.84 9.39
N VAL F 152 26.34 -9.07 9.71
CA VAL F 152 25.27 -8.69 8.78
C VAL F 152 25.24 -7.18 8.59
N ASP F 153 25.33 -6.73 7.34
CA ASP F 153 25.25 -5.32 6.97
C ASP F 153 23.78 -4.97 6.80
N VAL F 154 23.29 -4.02 7.60
CA VAL F 154 21.89 -3.57 7.59
C VAL F 154 21.81 -2.04 7.51
N THR F 155 20.59 -1.52 7.31
CA THR F 155 20.28 -0.10 7.25
C THR F 155 19.23 0.21 8.33
N VAL F 156 19.52 1.21 9.16
CA VAL F 156 18.58 1.66 10.18
C VAL F 156 18.02 2.97 9.66
N LYS F 157 16.76 2.93 9.17
CA LYS F 157 16.08 4.09 8.62
C LYS F 157 15.51 4.91 9.77
N VAL F 158 16.00 6.16 9.91
CA VAL F 158 15.53 7.08 10.95
C VAL F 158 14.51 8.05 10.33
N VAL F 159 13.30 8.10 10.91
CA VAL F 159 12.21 8.92 10.40
C VAL F 159 11.79 10.02 11.35
N ASP F 160 11.24 11.12 10.79
CA ASP F 160 10.71 12.24 11.54
C ASP F 160 9.18 12.05 11.59
N PRO F 161 8.58 11.78 12.77
CA PRO F 161 7.13 11.57 12.84
C PRO F 161 6.26 12.83 12.71
N ARG F 162 6.80 14.01 13.13
CA ARG F 162 6.09 15.29 13.11
C ARG F 162 6.87 16.41 12.44
N PRO G 2 -59.95 127.17 -38.80
CA PRO G 2 -59.91 125.76 -39.21
C PRO G 2 -60.54 124.82 -38.19
N LEU G 3 -61.51 124.03 -38.64
CA LEU G 3 -62.18 123.09 -37.74
C LEU G 3 -61.29 121.87 -37.63
N GLY G 4 -61.11 121.39 -36.40
CA GLY G 4 -60.31 120.22 -36.05
C GLY G 4 -60.61 118.96 -36.83
N SER G 5 -59.59 118.12 -36.98
CA SER G 5 -59.66 116.87 -37.71
C SER G 5 -60.19 115.73 -36.84
N ASP G 6 -60.55 114.60 -37.47
CA ASP G 6 -61.01 113.38 -36.79
C ASP G 6 -59.97 112.84 -35.81
N ALA G 7 -58.66 113.04 -36.12
CA ALA G 7 -57.53 112.61 -35.28
C ALA G 7 -57.44 113.41 -33.98
N ASP G 8 -57.90 114.69 -34.00
CA ASP G 8 -57.92 115.54 -32.82
C ASP G 8 -59.09 115.16 -31.92
N LYS G 9 -60.16 114.59 -32.52
CA LYS G 9 -61.42 114.19 -31.84
C LYS G 9 -61.40 112.75 -31.28
N ASN G 10 -60.56 111.88 -31.84
CA ASN G 10 -60.49 110.49 -31.40
C ASN G 10 -59.10 110.11 -30.93
N ASP G 11 -59.04 109.14 -30.01
CA ASP G 11 -57.80 108.57 -29.48
C ASP G 11 -57.88 107.05 -29.59
N PRO G 12 -57.17 106.40 -30.54
CA PRO G 12 -57.25 104.94 -30.62
C PRO G 12 -56.47 104.28 -29.48
N ALA G 13 -56.93 103.11 -29.05
CA ALA G 13 -56.36 102.38 -27.93
C ALA G 13 -55.55 101.16 -28.35
N GLY G 14 -54.31 101.10 -27.87
CA GLY G 14 -53.40 99.99 -28.09
C GLY G 14 -53.85 98.74 -27.36
N LYS G 15 -53.61 97.59 -27.99
CA LYS G 15 -53.97 96.28 -27.47
C LYS G 15 -52.91 95.30 -27.88
N ASP G 16 -52.42 94.54 -26.90
CA ASP G 16 -51.40 93.51 -27.15
C ASP G 16 -52.08 92.19 -27.54
N GLN G 17 -51.49 91.47 -28.50
CA GLN G 17 -52.04 90.19 -28.96
C GLN G 17 -50.98 89.12 -28.95
N GLN G 18 -51.39 87.84 -28.84
CA GLN G 18 -50.43 86.73 -28.84
C GLN G 18 -50.58 85.80 -30.05
N VAL G 19 -49.45 85.57 -30.75
CA VAL G 19 -49.36 84.71 -31.93
C VAL G 19 -48.26 83.67 -31.78
N ASN G 20 -48.32 82.62 -32.60
CA ASN G 20 -47.29 81.59 -32.65
C ASN G 20 -46.33 82.01 -33.76
N VAL G 21 -45.13 81.41 -33.79
CA VAL G 21 -44.10 81.69 -34.80
C VAL G 21 -44.70 81.32 -36.17
N GLY G 22 -44.59 82.24 -37.14
CA GLY G 22 -45.09 82.04 -38.50
C GLY G 22 -46.48 82.59 -38.73
N GLU G 23 -47.23 82.89 -37.64
CA GLU G 23 -48.59 83.43 -37.73
C GLU G 23 -48.54 84.89 -38.09
N THR G 24 -49.45 85.34 -38.94
CA THR G 24 -49.51 86.75 -39.37
C THR G 24 -50.53 87.54 -38.54
N PRO G 25 -50.10 88.58 -37.79
CA PRO G 25 -51.07 89.34 -36.99
C PRO G 25 -51.86 90.35 -37.80
N LYS G 26 -53.12 90.58 -37.39
CA LYS G 26 -54.02 91.57 -38.01
C LYS G 26 -53.96 92.84 -37.17
N ALA G 27 -53.92 94.01 -37.83
CA ALA G 27 -53.88 95.32 -37.16
C ALA G 27 -55.11 95.54 -36.28
N GLU G 28 -56.28 95.05 -36.74
CA GLU G 28 -57.57 95.12 -36.05
C GLU G 28 -57.49 94.49 -34.65
N ASP G 29 -56.71 93.43 -34.53
CA ASP G 29 -56.49 92.69 -33.29
C ASP G 29 -55.56 93.46 -32.33
N SER G 30 -54.89 94.52 -32.82
CA SER G 30 -54.00 95.37 -32.01
C SER G 30 -54.69 96.66 -31.53
N ILE G 31 -55.99 96.85 -31.87
CA ILE G 31 -56.77 98.04 -31.49
C ILE G 31 -58.02 97.61 -30.70
N GLY G 32 -58.10 98.12 -29.47
CA GLY G 32 -59.19 97.84 -28.55
C GLY G 32 -60.49 98.48 -28.92
N ASN G 33 -60.54 99.84 -28.87
CA ASN G 33 -61.71 100.68 -29.10
C ASN G 33 -61.98 101.06 -30.56
N LEU G 34 -61.97 100.09 -31.49
CA LEU G 34 -62.29 100.36 -32.89
C LEU G 34 -63.74 100.91 -33.07
N PRO G 35 -64.78 100.40 -32.34
CA PRO G 35 -66.13 100.96 -32.50
C PRO G 35 -66.32 102.40 -32.00
N ASP G 36 -65.48 102.84 -31.03
CA ASP G 36 -65.50 104.20 -30.48
C ASP G 36 -65.02 105.21 -31.53
N LEU G 37 -64.11 104.76 -32.42
CA LEU G 37 -63.56 105.53 -33.53
C LEU G 37 -64.64 105.70 -34.61
N PRO G 38 -64.53 106.70 -35.53
CA PRO G 38 -65.57 106.88 -36.55
C PRO G 38 -65.74 105.70 -37.50
N LYS G 39 -66.93 105.53 -38.06
CA LYS G 39 -67.24 104.48 -39.05
C LYS G 39 -66.41 104.82 -40.29
N GLY G 40 -65.76 103.82 -40.86
CA GLY G 40 -64.92 104.03 -42.04
C GLY G 40 -63.44 104.16 -41.76
N THR G 41 -63.08 104.27 -40.46
CA THR G 41 -61.72 104.35 -39.95
C THR G 41 -61.00 103.03 -40.29
N THR G 42 -59.83 103.13 -40.91
CA THR G 42 -59.05 101.96 -41.26
C THR G 42 -57.80 101.86 -40.40
N VAL G 43 -57.39 100.62 -40.11
CA VAL G 43 -56.21 100.31 -39.31
C VAL G 43 -55.26 99.42 -40.11
N ALA G 44 -53.96 99.72 -40.02
CA ALA G 44 -52.91 98.96 -40.72
C ALA G 44 -51.60 99.04 -39.96
N PHE G 45 -50.72 98.05 -40.13
CA PHE G 45 -49.41 98.12 -39.50
C PHE G 45 -48.57 99.02 -40.40
N GLU G 46 -47.78 99.94 -39.80
CA GLU G 46 -46.90 100.82 -40.56
C GLU G 46 -45.81 99.96 -41.22
N THR G 47 -45.27 99.01 -40.42
CA THR G 47 -44.25 98.06 -40.79
C THR G 47 -44.81 96.63 -40.60
N PRO G 48 -44.97 95.83 -41.69
CA PRO G 48 -45.45 94.44 -41.52
C PRO G 48 -44.62 93.71 -40.47
N VAL G 49 -45.30 93.13 -39.45
CA VAL G 49 -44.70 92.44 -38.30
C VAL G 49 -43.93 91.16 -38.70
N ASP G 50 -42.71 90.99 -38.14
CA ASP G 50 -41.85 89.82 -38.33
C ASP G 50 -42.22 88.77 -37.27
N THR G 51 -42.66 87.59 -37.74
CA THR G 51 -43.06 86.49 -36.84
C THR G 51 -42.22 85.23 -37.06
N ALA G 52 -41.05 85.37 -37.75
CA ALA G 52 -40.13 84.28 -38.06
C ALA G 52 -39.37 83.75 -36.82
N THR G 53 -39.28 84.57 -35.75
CA THR G 53 -38.60 84.23 -34.49
C THR G 53 -39.46 84.59 -33.28
N PRO G 54 -39.32 83.89 -32.12
CA PRO G 54 -40.15 84.25 -30.96
C PRO G 54 -39.68 85.54 -30.28
N GLY G 55 -40.53 86.07 -29.41
CA GLY G 55 -40.29 87.29 -28.65
C GLY G 55 -41.30 88.39 -28.87
N ASP G 56 -41.37 89.32 -27.89
CA ASP G 56 -42.22 90.50 -27.91
C ASP G 56 -41.76 91.44 -29.03
N LYS G 57 -42.62 91.65 -30.04
CA LYS G 57 -42.31 92.48 -31.20
C LYS G 57 -42.95 93.87 -31.12
N PRO G 58 -42.14 94.96 -31.26
CA PRO G 58 -42.72 96.30 -31.24
C PRO G 58 -43.34 96.65 -32.60
N ALA G 59 -44.58 97.15 -32.58
CA ALA G 59 -45.30 97.50 -33.81
C ALA G 59 -46.04 98.82 -33.72
N LYS G 60 -46.28 99.45 -34.89
CA LYS G 60 -47.01 100.70 -35.01
C LYS G 60 -48.22 100.53 -35.88
N VAL G 61 -49.40 100.78 -35.32
CA VAL G 61 -50.67 100.71 -36.03
C VAL G 61 -51.06 102.13 -36.47
N VAL G 62 -51.19 102.34 -37.79
CA VAL G 62 -51.59 103.61 -38.37
C VAL G 62 -53.11 103.55 -38.52
N VAL G 63 -53.78 104.50 -37.88
CA VAL G 63 -55.22 104.66 -37.86
C VAL G 63 -55.59 105.82 -38.80
N THR G 64 -56.15 105.50 -39.98
CA THR G 64 -56.55 106.50 -40.97
C THR G 64 -58.06 106.75 -40.82
N TYR G 65 -58.41 108.00 -40.47
CA TYR G 65 -59.78 108.42 -40.27
C TYR G 65 -60.48 108.82 -41.59
N PRO G 66 -61.82 108.82 -41.66
CA PRO G 66 -62.50 109.16 -42.93
C PRO G 66 -62.12 110.51 -43.58
N ASP G 67 -61.66 111.50 -42.79
CA ASP G 67 -61.25 112.80 -43.33
C ASP G 67 -59.80 112.82 -43.82
N GLY G 68 -59.09 111.70 -43.68
CA GLY G 68 -57.70 111.58 -44.12
C GLY G 68 -56.68 111.74 -43.01
N SER G 69 -57.09 112.34 -41.87
CA SER G 69 -56.20 112.53 -40.70
C SER G 69 -55.82 111.17 -40.11
N LYS G 70 -54.58 111.07 -39.61
CA LYS G 70 -54.06 109.80 -39.09
C LYS G 70 -53.51 109.87 -37.67
N ASP G 71 -53.59 108.73 -36.97
CA ASP G 71 -53.07 108.54 -35.62
C ASP G 71 -52.17 107.31 -35.63
N THR G 72 -51.03 107.36 -34.89
CA THR G 72 -50.09 106.23 -34.78
C THR G 72 -50.20 105.66 -33.38
N VAL G 73 -50.35 104.32 -33.27
CA VAL G 73 -50.49 103.61 -32.00
C VAL G 73 -49.35 102.60 -31.83
N ASP G 74 -48.57 102.74 -30.75
CA ASP G 74 -47.48 101.80 -30.45
C ASP G 74 -48.04 100.61 -29.68
N VAL G 75 -47.81 99.40 -30.21
CA VAL G 75 -48.29 98.13 -29.65
C VAL G 75 -47.18 97.10 -29.56
N THR G 76 -47.44 96.01 -28.84
CA THR G 76 -46.55 94.86 -28.66
C THR G 76 -47.26 93.60 -29.18
N VAL G 77 -46.59 92.85 -30.06
CA VAL G 77 -47.11 91.60 -30.61
C VAL G 77 -46.29 90.48 -29.97
N LYS G 78 -46.94 89.67 -29.07
CA LYS G 78 -46.24 88.57 -28.41
C LYS G 78 -46.19 87.37 -29.33
N VAL G 79 -44.99 87.06 -29.83
CA VAL G 79 -44.72 85.90 -30.69
C VAL G 79 -44.09 84.80 -29.83
N VAL G 80 -44.73 83.63 -29.81
CA VAL G 80 -44.26 82.50 -28.99
C VAL G 80 -43.97 81.25 -29.82
N ASP G 81 -43.03 80.41 -29.34
CA ASP G 81 -42.67 79.13 -29.93
C ASP G 81 -43.59 78.10 -29.26
N PRO G 82 -44.52 77.46 -30.01
CA PRO G 82 -45.42 76.49 -29.38
C PRO G 82 -44.71 75.21 -28.91
N ARG G 83 -43.64 74.81 -29.63
CA ARG G 83 -42.81 73.63 -29.39
C ARG G 83 -42.20 73.59 -27.99
N THR G 84 -42.27 72.42 -27.36
CA THR G 84 -41.70 72.15 -26.03
C THR G 84 -40.19 71.85 -26.16
N ASP G 85 -39.45 71.82 -25.03
CA ASP G 85 -38.02 71.50 -25.06
C ASP G 85 -37.78 70.06 -25.56
N ALA G 86 -38.74 69.13 -25.29
CA ALA G 86 -38.72 67.75 -25.75
C ALA G 86 -38.86 67.67 -27.29
N ASP G 87 -39.50 68.67 -27.91
CA ASP G 87 -39.66 68.78 -29.36
C ASP G 87 -38.42 69.47 -29.93
N LYS G 88 -37.81 70.38 -29.15
CA LYS G 88 -36.64 71.17 -29.53
C LYS G 88 -35.30 70.42 -29.32
N ASN G 89 -35.32 69.24 -28.66
CA ASN G 89 -34.10 68.47 -28.37
C ASN G 89 -34.22 66.96 -28.60
N ASP G 90 -33.10 66.31 -28.95
CA ASP G 90 -33.01 64.87 -29.18
C ASP G 90 -31.88 64.24 -28.34
N PRO G 91 -32.19 63.65 -27.17
CA PRO G 91 -31.11 63.04 -26.36
C PRO G 91 -30.52 61.79 -27.03
N ALA G 92 -29.19 61.70 -27.05
CA ALA G 92 -28.46 60.59 -27.64
C ALA G 92 -28.19 59.55 -26.58
N GLY G 93 -29.01 58.52 -26.60
CA GLY G 93 -28.92 57.39 -25.67
C GLY G 93 -27.73 56.52 -26.00
N LYS G 94 -26.95 56.24 -24.96
CA LYS G 94 -25.74 55.43 -25.06
C LYS G 94 -25.82 54.32 -24.02
N ASP G 95 -25.38 53.10 -24.38
CA ASP G 95 -25.35 51.98 -23.44
C ASP G 95 -24.14 52.18 -22.55
N GLN G 96 -24.27 51.85 -21.26
CA GLN G 96 -23.13 51.99 -20.38
C GLN G 96 -22.72 50.68 -19.73
N GLN G 97 -21.44 50.60 -19.39
CA GLN G 97 -20.94 49.43 -18.72
C GLN G 97 -20.45 49.80 -17.33
N VAL G 98 -20.88 49.00 -16.35
CA VAL G 98 -20.52 49.13 -14.94
C VAL G 98 -20.10 47.76 -14.38
N ASN G 99 -19.36 47.76 -13.26
CA ASN G 99 -18.94 46.54 -12.59
C ASN G 99 -20.05 46.14 -11.61
N VAL G 100 -19.99 44.91 -11.07
CA VAL G 100 -20.97 44.41 -10.10
C VAL G 100 -20.89 45.25 -8.82
N GLY G 101 -22.02 45.78 -8.36
CA GLY G 101 -22.09 46.59 -7.15
C GLY G 101 -22.04 48.09 -7.37
N GLU G 102 -21.63 48.51 -8.59
CA GLU G 102 -21.52 49.92 -8.99
C GLU G 102 -22.91 50.48 -9.19
N THR G 103 -23.13 51.73 -8.76
CA THR G 103 -24.43 52.40 -8.93
C THR G 103 -24.33 53.20 -10.26
N PRO G 104 -25.12 52.85 -11.30
CA PRO G 104 -24.96 53.57 -12.57
C PRO G 104 -25.62 54.94 -12.60
N LYS G 105 -24.89 55.91 -13.20
CA LYS G 105 -25.34 57.27 -13.38
C LYS G 105 -26.10 57.33 -14.70
N ALA G 106 -27.31 57.92 -14.69
CA ALA G 106 -28.13 58.08 -15.89
C ALA G 106 -27.41 58.97 -16.92
N GLU G 107 -26.64 59.96 -16.41
CA GLU G 107 -25.83 60.92 -17.17
C GLU G 107 -24.90 60.22 -18.15
N ASP G 108 -24.34 59.07 -17.73
CA ASP G 108 -23.44 58.25 -18.55
C ASP G 108 -24.16 57.55 -19.70
N SER G 109 -25.50 57.46 -19.64
CA SER G 109 -26.33 56.85 -20.68
C SER G 109 -26.88 57.89 -21.67
N ILE G 110 -26.46 59.16 -21.51
CA ILE G 110 -26.80 60.28 -22.39
C ILE G 110 -25.49 60.90 -22.89
N GLY G 111 -25.23 60.70 -24.18
CA GLY G 111 -24.03 61.19 -24.85
C GLY G 111 -23.89 62.68 -25.08
N ASN G 112 -25.01 63.40 -25.35
CA ASN G 112 -24.99 64.82 -25.67
C ASN G 112 -25.67 65.75 -24.65
N LEU G 113 -25.36 65.60 -23.35
CA LEU G 113 -25.89 66.44 -22.27
C LEU G 113 -25.70 67.95 -22.55
N PRO G 114 -24.52 68.45 -23.01
CA PRO G 114 -24.41 69.90 -23.30
C PRO G 114 -25.29 70.42 -24.44
N ASP G 115 -25.71 69.54 -25.38
CA ASP G 115 -26.62 69.91 -26.48
C ASP G 115 -28.04 70.14 -25.94
N LEU G 116 -28.34 69.61 -24.73
CA LEU G 116 -29.63 69.76 -24.07
C LEU G 116 -29.65 71.07 -23.24
N PRO G 117 -30.85 71.69 -22.96
CA PRO G 117 -30.88 72.97 -22.21
C PRO G 117 -30.27 72.94 -20.83
N LYS G 118 -29.81 74.11 -20.34
CA LYS G 118 -29.23 74.23 -18.99
C LYS G 118 -30.37 74.07 -17.98
N GLY G 119 -30.23 73.08 -17.12
CA GLY G 119 -31.23 72.76 -16.11
C GLY G 119 -31.93 71.44 -16.34
N THR G 120 -31.67 70.80 -17.50
CA THR G 120 -32.22 69.49 -17.86
C THR G 120 -31.62 68.43 -16.92
N THR G 121 -32.47 67.50 -16.44
CA THR G 121 -32.05 66.43 -15.53
C THR G 121 -32.36 65.07 -16.12
N VAL G 122 -31.46 64.10 -15.88
CA VAL G 122 -31.60 62.74 -16.35
C VAL G 122 -31.62 61.78 -15.16
N ALA G 123 -32.50 60.78 -15.21
CA ALA G 123 -32.68 59.78 -14.15
C ALA G 123 -33.25 58.51 -14.72
N PHE G 124 -32.92 57.35 -14.11
CA PHE G 124 -33.47 56.08 -14.55
C PHE G 124 -34.90 55.97 -14.05
N GLU G 125 -35.83 55.50 -14.90
CA GLU G 125 -37.24 55.34 -14.54
C GLU G 125 -37.36 54.43 -13.32
N THR G 126 -36.65 53.29 -13.36
CA THR G 126 -36.60 52.30 -12.31
C THR G 126 -35.12 52.05 -11.98
N PRO G 127 -34.73 52.02 -10.68
CA PRO G 127 -33.31 51.78 -10.34
C PRO G 127 -32.76 50.48 -10.92
N VAL G 128 -31.52 50.55 -11.42
CA VAL G 128 -30.80 49.43 -12.02
C VAL G 128 -30.16 48.52 -10.96
N ASP G 129 -30.42 47.20 -11.06
CA ASP G 129 -29.86 46.17 -10.19
C ASP G 129 -28.49 45.78 -10.72
N THR G 130 -27.45 45.92 -9.89
CA THR G 130 -26.07 45.66 -10.31
C THR G 130 -25.38 44.59 -9.46
N ALA G 131 -26.14 43.92 -8.56
CA ALA G 131 -25.61 42.87 -7.67
C ALA G 131 -25.16 41.59 -8.40
N THR G 132 -25.57 41.42 -9.66
CA THR G 132 -25.23 40.28 -10.51
C THR G 132 -24.83 40.76 -11.91
N PRO G 133 -23.92 40.06 -12.64
CA PRO G 133 -23.57 40.53 -13.99
C PRO G 133 -24.69 40.28 -15.01
N GLY G 134 -24.58 40.92 -16.17
CA GLY G 134 -25.55 40.79 -17.25
C GLY G 134 -26.05 42.11 -17.81
N ASP G 135 -26.73 42.03 -18.96
CA ASP G 135 -27.33 43.17 -19.65
C ASP G 135 -28.66 43.53 -19.03
N LYS G 136 -28.69 44.68 -18.32
CA LYS G 136 -29.87 45.16 -17.62
C LYS G 136 -30.58 46.23 -18.46
N PRO G 137 -31.85 45.97 -18.89
CA PRO G 137 -32.56 47.01 -19.67
C PRO G 137 -33.00 48.15 -18.78
N ALA G 138 -32.82 49.39 -19.26
CA ALA G 138 -33.17 50.58 -18.50
C ALA G 138 -33.77 51.67 -19.38
N LYS G 139 -34.49 52.60 -18.73
CA LYS G 139 -35.10 53.76 -19.36
C LYS G 139 -34.59 55.01 -18.68
N VAL G 140 -34.00 55.92 -19.45
CA VAL G 140 -33.51 57.20 -18.94
C VAL G 140 -34.57 58.25 -19.25
N VAL G 141 -35.10 58.88 -18.19
CA VAL G 141 -36.11 59.92 -18.29
C VAL G 141 -35.36 61.26 -18.32
N VAL G 142 -35.53 62.01 -19.40
CA VAL G 142 -34.90 63.30 -19.63
C VAL G 142 -35.95 64.37 -19.31
N THR G 143 -35.79 65.04 -18.16
CA THR G 143 -36.70 66.10 -17.71
C THR G 143 -36.12 67.45 -18.06
N TYR G 144 -36.76 68.13 -19.01
CA TYR G 144 -36.34 69.43 -19.52
C TYR G 144 -36.69 70.59 -18.59
N PRO G 145 -36.05 71.78 -18.73
CA PRO G 145 -36.38 72.91 -17.83
C PRO G 145 -37.82 73.34 -17.90
N ASP G 146 -38.45 73.33 -19.11
CA ASP G 146 -39.85 73.72 -19.36
C ASP G 146 -40.90 72.71 -18.80
N GLY G 147 -40.43 71.62 -18.19
CA GLY G 147 -41.30 70.60 -17.62
C GLY G 147 -41.53 69.40 -18.51
N SER G 148 -41.35 69.56 -19.85
CA SER G 148 -41.49 68.45 -20.81
C SER G 148 -40.48 67.33 -20.61
N LYS G 149 -40.80 66.12 -21.08
CA LYS G 149 -39.94 64.95 -20.91
C LYS G 149 -39.75 64.09 -22.16
N ASP G 150 -38.53 63.56 -22.33
CA ASP G 150 -38.10 62.61 -23.38
C ASP G 150 -37.66 61.30 -22.66
N THR G 151 -37.89 60.13 -23.28
CA THR G 151 -37.52 58.83 -22.69
C THR G 151 -36.65 58.03 -23.64
N VAL G 152 -35.49 57.56 -23.15
CA VAL G 152 -34.51 56.82 -23.91
C VAL G 152 -34.34 55.41 -23.36
N ASP G 153 -34.53 54.39 -24.21
CA ASP G 153 -34.33 52.98 -23.85
C ASP G 153 -32.84 52.64 -24.04
N VAL G 154 -32.18 52.21 -22.95
CA VAL G 154 -30.75 51.87 -22.95
C VAL G 154 -30.50 50.51 -22.27
N THR G 155 -29.26 50.01 -22.36
CA THR G 155 -28.80 48.77 -21.72
C THR G 155 -27.63 49.10 -20.80
N VAL G 156 -27.70 48.65 -19.55
CA VAL G 156 -26.64 48.83 -18.57
C VAL G 156 -25.99 47.47 -18.44
N LYS G 157 -24.81 47.30 -19.06
CA LYS G 157 -24.08 46.04 -19.04
C LYS G 157 -23.32 45.94 -17.73
N VAL G 158 -23.65 44.92 -16.92
CA VAL G 158 -22.99 44.69 -15.63
C VAL G 158 -21.95 43.58 -15.82
N VAL G 159 -20.68 43.89 -15.50
CA VAL G 159 -19.59 42.97 -15.68
C VAL G 159 -18.96 42.54 -14.38
N ASP G 160 -18.37 41.33 -14.39
CA ASP G 160 -17.63 40.76 -13.29
C ASP G 160 -16.16 41.03 -13.62
N PRO G 161 -15.45 41.91 -12.87
CA PRO G 161 -14.04 42.21 -13.22
C PRO G 161 -13.09 41.02 -12.96
N ARG G 162 -13.71 39.83 -12.73
CA ARG G 162 -13.21 38.48 -12.49
C ARG G 162 -12.86 38.25 -11.03
N PRO H 2 -51.59 96.98 0.15
CA PRO H 2 -50.45 96.12 -0.24
C PRO H 2 -50.79 95.18 -1.39
N LEU H 3 -50.01 95.26 -2.48
CA LEU H 3 -50.23 94.43 -3.65
C LEU H 3 -49.93 92.91 -3.39
N GLY H 4 -48.78 92.57 -2.82
CA GLY H 4 -48.44 91.16 -2.58
C GLY H 4 -47.19 90.84 -3.37
N SER H 5 -46.23 90.17 -2.70
CA SER H 5 -44.90 89.80 -3.21
C SER H 5 -44.89 88.54 -4.07
N ASP H 6 -43.91 88.44 -4.98
CA ASP H 6 -43.73 87.30 -5.87
C ASP H 6 -43.69 85.98 -5.11
N ALA H 7 -43.18 85.99 -3.86
CA ALA H 7 -43.09 84.83 -2.97
C ALA H 7 -44.47 84.37 -2.50
N ASP H 8 -45.44 85.29 -2.39
CA ASP H 8 -46.82 85.01 -2.00
C ASP H 8 -47.56 84.37 -3.17
N LYS H 9 -47.17 84.74 -4.40
CA LYS H 9 -47.78 84.30 -5.66
C LYS H 9 -47.27 82.95 -6.17
N ASN H 10 -46.01 82.62 -5.88
CA ASN H 10 -45.37 81.40 -6.36
C ASN H 10 -44.96 80.45 -5.23
N ASP H 11 -44.92 79.14 -5.54
CA ASP H 11 -44.45 78.10 -4.64
C ASP H 11 -43.44 77.22 -5.40
N PRO H 12 -42.13 77.32 -5.07
CA PRO H 12 -41.15 76.48 -5.78
C PRO H 12 -41.21 75.03 -5.29
N ALA H 13 -40.87 74.09 -6.19
CA ALA H 13 -40.91 72.65 -5.92
C ALA H 13 -39.55 72.02 -5.76
N GLY H 14 -39.40 71.31 -4.65
CA GLY H 14 -38.20 70.56 -4.32
C GLY H 14 -38.03 69.35 -5.20
N LYS H 15 -36.78 69.03 -5.51
CA LYS H 15 -36.40 67.91 -6.35
C LYS H 15 -35.10 67.34 -5.82
N ASP H 16 -35.06 66.01 -5.63
CA ASP H 16 -33.87 65.34 -5.13
C ASP H 16 -32.95 65.02 -6.29
N GLN H 17 -31.64 65.14 -6.05
CA GLN H 17 -30.61 64.84 -7.06
C GLN H 17 -29.56 63.92 -6.46
N GLN H 18 -28.97 63.06 -7.30
CA GLN H 18 -27.94 62.09 -6.90
C GLN H 18 -26.60 62.41 -7.54
N VAL H 19 -25.56 62.46 -6.69
CA VAL H 19 -24.18 62.76 -7.08
C VAL H 19 -23.20 61.75 -6.51
N ASN H 20 -22.02 61.69 -7.12
CA ASN H 20 -20.91 60.85 -6.65
C ASN H 20 -20.08 61.70 -5.70
N VAL H 21 -19.27 61.05 -4.87
CA VAL H 21 -18.40 61.73 -3.90
C VAL H 21 -17.45 62.66 -4.67
N GLY H 22 -17.42 63.93 -4.27
CA GLY H 22 -16.55 64.93 -4.89
C GLY H 22 -17.24 65.78 -5.93
N GLU H 23 -18.42 65.32 -6.42
CA GLU H 23 -19.21 66.05 -7.41
C GLU H 23 -19.89 67.21 -6.77
N THR H 24 -19.96 68.37 -7.45
CA THR H 24 -20.66 69.54 -6.93
C THR H 24 -22.08 69.62 -7.53
N PRO H 25 -23.14 69.61 -6.68
CA PRO H 25 -24.50 69.70 -7.23
C PRO H 25 -24.90 71.13 -7.60
N LYS H 26 -25.77 71.29 -8.61
CA LYS H 26 -26.27 72.61 -9.04
C LYS H 26 -27.65 72.83 -8.40
N ALA H 27 -27.91 74.04 -7.90
CA ALA H 27 -29.20 74.38 -7.27
C ALA H 27 -30.37 74.21 -8.22
N GLU H 28 -30.16 74.55 -9.50
CA GLU H 28 -31.16 74.45 -10.58
C GLU H 28 -31.67 73.01 -10.73
N ASP H 29 -30.80 72.04 -10.47
CA ASP H 29 -31.13 70.62 -10.53
C ASP H 29 -31.94 70.16 -9.32
N SER H 30 -32.04 71.01 -8.28
CA SER H 30 -32.81 70.71 -7.07
C SER H 30 -34.22 71.36 -7.11
N ILE H 31 -34.57 72.06 -8.22
CA ILE H 31 -35.88 72.72 -8.42
C ILE H 31 -36.59 72.19 -9.66
N GLY H 32 -37.77 71.61 -9.44
CA GLY H 32 -38.59 71.03 -10.50
C GLY H 32 -39.24 72.04 -11.42
N ASN H 33 -40.18 72.85 -10.85
CA ASN H 33 -41.00 73.85 -11.55
C ASN H 33 -40.37 75.23 -11.71
N LEU H 34 -39.11 75.30 -12.17
CA LEU H 34 -38.48 76.59 -12.43
C LEU H 34 -39.25 77.44 -13.50
N PRO H 35 -39.81 76.84 -14.60
CA PRO H 35 -40.56 77.66 -15.59
C PRO H 35 -41.87 78.26 -15.07
N ASP H 36 -42.49 77.61 -14.06
CA ASP H 36 -43.74 78.09 -13.44
C ASP H 36 -43.49 79.37 -12.65
N LEU H 37 -42.27 79.50 -12.10
CA LEU H 37 -41.80 80.66 -11.34
C LEU H 37 -41.56 81.84 -12.30
N PRO H 38 -41.52 83.10 -11.81
CA PRO H 38 -41.32 84.24 -12.75
C PRO H 38 -39.98 84.24 -13.46
N LYS H 39 -39.93 84.88 -14.63
CA LYS H 39 -38.70 85.03 -15.41
C LYS H 39 -37.77 85.94 -14.59
N GLY H 40 -36.50 85.54 -14.45
CA GLY H 40 -35.54 86.34 -13.68
C GLY H 40 -35.30 85.83 -12.28
N THR H 41 -36.11 84.84 -11.84
CA THR H 41 -36.01 84.18 -10.54
C THR H 41 -34.68 83.42 -10.48
N THR H 42 -33.87 83.63 -9.40
CA THR H 42 -32.61 82.89 -9.23
C THR H 42 -32.64 81.95 -8.02
N VAL H 43 -32.03 80.77 -8.23
CA VAL H 43 -31.92 79.69 -7.25
C VAL H 43 -30.46 79.44 -6.89
N ALA H 44 -30.19 79.24 -5.59
CA ALA H 44 -28.86 79.01 -5.04
C ALA H 44 -28.96 78.20 -3.77
N PHE H 45 -27.91 77.48 -3.39
CA PHE H 45 -27.93 76.74 -2.14
C PHE H 45 -27.64 77.74 -1.03
N GLU H 46 -28.38 77.67 0.09
CA GLU H 46 -28.16 78.56 1.23
C GLU H 46 -26.77 78.25 1.81
N THR H 47 -26.48 76.95 1.93
CA THR H 47 -25.25 76.37 2.44
C THR H 47 -24.64 75.49 1.34
N PRO H 48 -23.43 75.84 0.82
CA PRO H 48 -22.78 74.98 -0.19
C PRO H 48 -22.75 73.53 0.27
N VAL H 49 -23.28 72.59 -0.54
CA VAL H 49 -23.41 71.16 -0.22
C VAL H 49 -22.04 70.47 -0.10
N ASP H 50 -21.88 69.67 0.99
CA ASP H 50 -20.69 68.88 1.29
C ASP H 50 -20.83 67.54 0.60
N THR H 51 -19.90 67.22 -0.32
CA THR H 51 -19.91 65.96 -1.07
C THR H 51 -18.63 65.17 -0.87
N ALA H 52 -17.86 65.51 0.18
CA ALA H 52 -16.60 64.85 0.54
C ALA H 52 -16.78 63.43 1.09
N THR H 53 -17.98 63.10 1.59
CA THR H 53 -18.35 61.80 2.16
C THR H 53 -19.71 61.32 1.63
N PRO H 54 -19.98 59.99 1.56
CA PRO H 54 -21.31 59.55 1.09
C PRO H 54 -22.40 59.75 2.14
N GLY H 55 -23.66 59.66 1.69
CA GLY H 55 -24.84 59.80 2.52
C GLY H 55 -25.79 60.90 2.07
N ASP H 56 -27.08 60.78 2.47
CA ASP H 56 -28.14 61.73 2.16
C ASP H 56 -27.86 63.06 2.88
N LYS H 57 -27.63 64.13 2.10
CA LYS H 57 -27.31 65.46 2.61
C LYS H 57 -28.49 66.40 2.58
N PRO H 58 -28.84 67.02 3.73
CA PRO H 58 -29.96 67.97 3.73
C PRO H 58 -29.50 69.34 3.19
N ALA H 59 -30.28 69.90 2.24
CA ALA H 59 -29.95 71.19 1.64
C ALA H 59 -31.15 72.12 1.51
N LYS H 60 -30.87 73.43 1.49
CA LYS H 60 -31.89 74.46 1.34
C LYS H 60 -31.58 75.29 0.11
N VAL H 61 -32.49 75.28 -0.86
CA VAL H 61 -32.34 76.08 -2.08
C VAL H 61 -33.10 77.36 -1.82
N VAL H 62 -32.41 78.51 -1.86
CA VAL H 62 -33.04 79.80 -1.66
C VAL H 62 -33.39 80.41 -3.01
N VAL H 63 -34.71 80.56 -3.22
CA VAL H 63 -35.39 81.08 -4.41
C VAL H 63 -35.64 82.57 -4.29
N THR H 64 -34.80 83.39 -4.93
CA THR H 64 -34.95 84.84 -4.93
C THR H 64 -35.72 85.27 -6.19
N TYR H 65 -36.86 85.94 -5.98
CA TYR H 65 -37.74 86.42 -7.03
C TYR H 65 -37.33 87.81 -7.54
N PRO H 66 -37.77 88.23 -8.77
CA PRO H 66 -37.35 89.54 -9.30
C PRO H 66 -37.61 90.75 -8.40
N ASP H 67 -38.65 90.70 -7.55
CA ASP H 67 -38.99 91.81 -6.64
C ASP H 67 -38.17 91.80 -5.33
N GLY H 68 -37.29 90.81 -5.16
CA GLY H 68 -36.47 90.68 -3.96
C GLY H 68 -37.00 89.73 -2.91
N SER H 69 -38.29 89.34 -3.00
CA SER H 69 -38.90 88.38 -2.07
C SER H 69 -38.27 87.01 -2.27
N LYS H 70 -38.13 86.23 -1.19
CA LYS H 70 -37.47 84.93 -1.22
C LYS H 70 -38.30 83.80 -0.63
N ASP H 71 -38.07 82.59 -1.16
CA ASP H 71 -38.68 81.33 -0.71
C ASP H 71 -37.57 80.34 -0.47
N THR H 72 -37.69 79.53 0.59
CA THR H 72 -36.71 78.50 0.94
C THR H 72 -37.34 77.13 0.68
N VAL H 73 -36.62 76.27 -0.02
CA VAL H 73 -37.06 74.91 -0.36
C VAL H 73 -36.09 73.89 0.24
N ASP H 74 -36.63 72.92 1.02
CA ASP H 74 -35.83 71.87 1.63
C ASP H 74 -35.72 70.68 0.69
N VAL H 75 -34.47 70.30 0.36
CA VAL H 75 -34.15 69.20 -0.55
C VAL H 75 -33.14 68.24 0.07
N THR H 76 -32.98 67.06 -0.57
CA THR H 76 -32.03 66.01 -0.19
C THR H 76 -31.09 65.77 -1.38
N VAL H 77 -29.80 65.83 -1.10
CA VAL H 77 -28.73 65.56 -2.07
C VAL H 77 -28.17 64.17 -1.71
N LYS H 78 -28.41 63.17 -2.56
CA LYS H 78 -27.90 61.82 -2.32
C LYS H 78 -26.48 61.73 -2.84
N VAL H 79 -25.51 61.64 -1.91
CA VAL H 79 -24.08 61.49 -2.25
C VAL H 79 -23.73 60.03 -2.14
N VAL H 80 -23.27 59.44 -3.25
CA VAL H 80 -22.92 58.02 -3.27
C VAL H 80 -21.45 57.80 -3.59
N ASP H 81 -20.89 56.71 -3.07
CA ASP H 81 -19.51 56.29 -3.33
C ASP H 81 -19.61 55.40 -4.56
N PRO H 82 -19.00 55.78 -5.70
CA PRO H 82 -19.12 54.95 -6.92
C PRO H 82 -18.41 53.60 -6.79
N ARG H 83 -17.29 53.58 -6.03
CA ARG H 83 -16.44 52.42 -5.74
C ARG H 83 -17.24 51.27 -5.14
N THR H 84 -17.00 50.05 -5.65
CA THR H 84 -17.62 48.80 -5.17
C THR H 84 -16.85 48.34 -3.91
N ASP H 85 -17.37 47.34 -3.17
CA ASP H 85 -16.67 46.81 -1.99
C ASP H 85 -15.34 46.14 -2.40
N ALA H 86 -15.29 45.57 -3.62
CA ALA H 86 -14.11 44.95 -4.20
C ALA H 86 -13.02 46.00 -4.48
N ASP H 87 -13.41 47.26 -4.71
CA ASP H 87 -12.49 48.39 -4.92
C ASP H 87 -12.10 48.96 -3.55
N LYS H 88 -13.01 48.87 -2.58
CA LYS H 88 -12.83 49.40 -1.22
C LYS H 88 -12.07 48.44 -0.29
N ASN H 89 -11.80 47.20 -0.74
CA ASN H 89 -11.11 46.20 0.08
C ASN H 89 -10.05 45.38 -0.69
N ASP H 90 -8.99 44.97 0.01
CA ASP H 90 -7.91 44.17 -0.55
C ASP H 90 -7.67 42.93 0.32
N PRO H 91 -8.22 41.76 -0.06
CA PRO H 91 -8.01 40.55 0.78
C PRO H 91 -6.55 40.07 0.75
N ALA H 92 -6.02 39.77 1.95
CA ALA H 92 -4.66 39.30 2.13
C ALA H 92 -4.63 37.79 2.05
N GLY H 93 -4.26 37.31 0.86
CA GLY H 93 -4.15 35.90 0.56
C GLY H 93 -2.98 35.28 1.24
N LYS H 94 -3.24 34.17 1.94
CA LYS H 94 -2.22 33.43 2.67
C LYS H 94 -2.30 31.97 2.24
N ASP H 95 -1.12 31.32 2.09
CA ASP H 95 -1.08 29.89 1.75
C ASP H 95 -1.37 29.12 3.02
N GLN H 96 -2.06 27.99 2.91
CA GLN H 96 -2.37 27.20 4.10
C GLN H 96 -1.84 25.77 4.02
N GLN H 97 -1.73 25.11 5.17
CA GLN H 97 -1.27 23.73 5.22
C GLN H 97 -2.29 22.82 5.91
N VAL H 98 -2.59 21.70 5.25
CA VAL H 98 -3.53 20.68 5.72
C VAL H 98 -2.88 19.28 5.63
N ASN H 99 -3.50 18.27 6.25
CA ASN H 99 -3.06 16.89 6.16
C ASN H 99 -3.91 16.19 5.10
N VAL H 100 -3.52 14.96 4.69
CA VAL H 100 -4.27 14.17 3.69
C VAL H 100 -5.67 13.85 4.24
N GLY H 101 -6.71 14.18 3.47
CA GLY H 101 -8.10 13.92 3.85
C GLY H 101 -8.82 15.10 4.51
N GLU H 102 -8.06 16.15 4.90
CA GLU H 102 -8.56 17.34 5.58
C GLU H 102 -9.24 18.33 4.64
N THR H 103 -10.49 18.71 4.96
CA THR H 103 -11.23 19.67 4.15
C THR H 103 -10.71 21.08 4.49
N PRO H 104 -10.05 21.79 3.55
CA PRO H 104 -9.51 23.11 3.90
C PRO H 104 -10.55 24.21 3.91
N LYS H 105 -10.45 25.11 4.89
CA LYS H 105 -11.33 26.27 5.05
C LYS H 105 -10.73 27.42 4.24
N ALA H 106 -11.56 28.09 3.40
CA ALA H 106 -11.13 29.23 2.60
C ALA H 106 -10.72 30.39 3.50
N GLU H 107 -11.39 30.52 4.66
CA GLU H 107 -11.16 31.52 5.70
C GLU H 107 -9.70 31.51 6.15
N ASP H 108 -9.12 30.31 6.24
CA ASP H 108 -7.73 30.05 6.63
C ASP H 108 -6.71 30.56 5.57
N SER H 109 -7.17 30.86 4.34
CA SER H 109 -6.36 31.38 3.23
C SER H 109 -6.51 32.91 3.06
N ILE H 110 -7.26 33.56 3.99
CA ILE H 110 -7.49 35.02 4.03
C ILE H 110 -7.10 35.51 5.43
N GLY H 111 -6.03 36.31 5.50
CA GLY H 111 -5.54 36.83 6.77
C GLY H 111 -6.50 37.77 7.47
N ASN H 112 -6.72 38.91 6.83
CA ASN H 112 -7.54 40.03 7.26
C ASN H 112 -9.05 39.87 6.99
N LEU H 113 -9.72 38.88 7.58
CA LEU H 113 -11.17 38.76 7.44
C LEU H 113 -11.93 39.94 8.14
N PRO H 114 -11.55 40.39 9.39
CA PRO H 114 -12.25 41.53 10.01
C PRO H 114 -12.12 42.87 9.26
N ASP H 115 -11.05 43.03 8.44
CA ASP H 115 -10.81 44.24 7.64
C ASP H 115 -11.83 44.33 6.51
N LEU H 116 -12.49 43.20 6.17
CA LEU H 116 -13.51 43.13 5.12
C LEU H 116 -14.92 43.43 5.69
N PRO H 117 -15.89 43.92 4.86
CA PRO H 117 -17.22 44.26 5.39
C PRO H 117 -18.00 43.12 6.07
N LYS H 118 -18.92 43.48 6.98
CA LYS H 118 -19.78 42.51 7.66
C LYS H 118 -20.75 41.93 6.64
N GLY H 119 -20.70 40.61 6.47
CA GLY H 119 -21.54 39.90 5.51
C GLY H 119 -20.78 39.32 4.33
N THR H 120 -19.48 39.67 4.23
CA THR H 120 -18.56 39.16 3.20
C THR H 120 -18.34 37.66 3.43
N THR H 121 -18.33 36.86 2.35
CA THR H 121 -18.12 35.43 2.41
C THR H 121 -16.94 35.01 1.55
N VAL H 122 -16.15 34.05 2.05
CA VAL H 122 -15.00 33.47 1.35
C VAL H 122 -15.25 31.99 1.09
N ALA H 123 -14.90 31.54 -0.13
CA ALA H 123 -15.11 30.16 -0.59
C ALA H 123 -14.11 29.83 -1.68
N PHE H 124 -13.74 28.57 -1.82
CA PHE H 124 -12.85 28.15 -2.89
C PHE H 124 -13.68 28.05 -4.16
N GLU H 125 -13.12 28.50 -5.30
CA GLU H 125 -13.80 28.48 -6.60
C GLU H 125 -14.24 27.05 -6.93
N THR H 126 -13.32 26.11 -6.75
CA THR H 126 -13.53 24.69 -6.96
C THR H 126 -13.01 23.98 -5.70
N PRO H 127 -13.75 22.97 -5.14
CA PRO H 127 -13.26 22.27 -3.95
C PRO H 127 -11.88 21.66 -4.13
N VAL H 128 -11.04 21.78 -3.09
CA VAL H 128 -9.64 21.33 -3.09
C VAL H 128 -9.56 19.82 -2.82
N ASP H 129 -8.77 19.12 -3.66
CA ASP H 129 -8.50 17.69 -3.54
C ASP H 129 -7.38 17.49 -2.51
N THR H 130 -7.68 16.73 -1.43
CA THR H 130 -6.70 16.50 -0.36
C THR H 130 -6.41 15.02 -0.14
N ALA H 131 -6.93 14.14 -1.04
CA ALA H 131 -6.75 12.69 -0.98
C ALA H 131 -5.30 12.22 -1.14
N THR H 132 -4.42 13.10 -1.68
CA THR H 132 -3.00 12.84 -1.92
C THR H 132 -2.16 14.05 -1.47
N PRO H 133 -0.90 13.87 -1.00
CA PRO H 133 -0.10 15.04 -0.61
C PRO H 133 0.37 15.88 -1.80
N GLY H 134 0.80 17.11 -1.52
CA GLY H 134 1.32 18.04 -2.51
C GLY H 134 0.73 19.43 -2.44
N ASP H 135 1.34 20.36 -3.19
CA ASP H 135 0.90 21.75 -3.29
C ASP H 135 -0.23 21.83 -4.30
N LYS H 136 -1.45 22.11 -3.78
CA LYS H 136 -2.65 22.23 -4.58
C LYS H 136 -2.97 23.70 -4.87
N PRO H 137 -2.95 24.13 -6.16
CA PRO H 137 -3.30 25.53 -6.45
C PRO H 137 -4.79 25.76 -6.29
N ALA H 138 -5.18 26.87 -5.65
CA ALA H 138 -6.57 27.20 -5.39
C ALA H 138 -6.87 28.69 -5.57
N LYS H 139 -8.16 29.00 -5.74
CA LYS H 139 -8.66 30.36 -5.87
C LYS H 139 -9.72 30.59 -4.82
N VAL H 140 -9.53 31.61 -3.98
CA VAL H 140 -10.48 32.01 -2.95
C VAL H 140 -11.30 33.16 -3.51
N VAL H 141 -12.61 32.94 -3.63
CA VAL H 141 -13.56 33.92 -4.13
C VAL H 141 -14.10 34.64 -2.91
N VAL H 142 -13.86 35.96 -2.88
CA VAL H 142 -14.30 36.84 -1.82
C VAL H 142 -15.55 37.54 -2.33
N THR H 143 -16.74 37.15 -1.80
CA THR H 143 -18.04 37.73 -2.19
C THR H 143 -18.44 38.77 -1.17
N TYR H 144 -18.44 40.02 -1.59
CA TYR H 144 -18.75 41.17 -0.76
C TYR H 144 -20.26 41.39 -0.55
N PRO H 145 -20.70 42.15 0.49
CA PRO H 145 -22.14 42.34 0.70
C PRO H 145 -22.85 43.04 -0.46
N ASP H 146 -22.18 44.00 -1.15
CA ASP H 146 -22.71 44.74 -2.31
C ASP H 146 -22.83 43.90 -3.60
N GLY H 147 -22.43 42.63 -3.54
CA GLY H 147 -22.50 41.72 -4.68
C GLY H 147 -21.18 41.55 -5.41
N SER H 148 -20.27 42.56 -5.32
CA SER H 148 -18.96 42.54 -5.97
C SER H 148 -18.06 41.42 -5.45
N LYS H 149 -17.08 40.99 -6.28
CA LYS H 149 -16.20 39.91 -5.92
C LYS H 149 -14.73 40.18 -6.22
N ASP H 150 -13.88 39.68 -5.31
CA ASP H 150 -12.42 39.72 -5.43
C ASP H 150 -11.98 38.27 -5.49
N THR H 151 -10.88 37.98 -6.20
CA THR H 151 -10.35 36.62 -6.32
C THR H 151 -8.88 36.61 -5.93
N VAL H 152 -8.51 35.66 -5.04
CA VAL H 152 -7.15 35.49 -4.54
C VAL H 152 -6.62 34.13 -4.92
N ASP H 153 -5.45 34.09 -5.61
CA ASP H 153 -4.77 32.86 -5.98
C ASP H 153 -3.89 32.44 -4.81
N VAL H 154 -4.12 31.22 -4.27
CA VAL H 154 -3.38 30.67 -3.13
C VAL H 154 -2.93 29.23 -3.40
N THR H 155 -2.10 28.67 -2.49
CA THR H 155 -1.62 27.29 -2.52
C THR H 155 -2.03 26.60 -1.22
N VAL H 156 -2.66 25.41 -1.36
CA VAL H 156 -3.08 24.59 -0.23
C VAL H 156 -2.10 23.43 -0.19
N LYS H 157 -1.15 23.49 0.75
CA LYS H 157 -0.13 22.47 0.90
C LYS H 157 -0.71 21.29 1.68
N VAL H 158 -0.78 20.12 1.03
CA VAL H 158 -1.28 18.89 1.65
C VAL H 158 -0.04 18.08 2.02
N VAL H 159 0.03 17.60 3.26
CA VAL H 159 1.16 16.80 3.75
C VAL H 159 0.71 15.46 4.29
N ASP H 160 1.62 14.48 4.27
CA ASP H 160 1.40 13.16 4.82
C ASP H 160 2.03 13.20 6.22
N PRO H 161 1.23 13.10 7.30
CA PRO H 161 1.81 13.16 8.66
C PRO H 161 2.51 11.85 9.06
#